data_7ZT8
#
_entry.id   7ZT8
#
_cell.length_a   69.600
_cell.length_b   113.130
_cell.length_c   143.760
_cell.angle_alpha   90.00
_cell.angle_beta   90.00
_cell.angle_gamma   90.00
#
_symmetry.space_group_name_H-M   'P 21 21 21'
#
loop_
_entity.id
_entity.type
_entity.pdbx_description
1 polymer 'Major histocompatibility complex class I-related gene protein'
2 polymer Beta-2-microglobulin
3 polymer 'TCR alpha'
4 polymer 'TCR beta'
5 non-polymer '3-methylbenzoic acid'
6 non-polymer 1,2-ETHANEDIOL
7 non-polymer '3[N-MORPHOLINO]PROPANE SULFONIC ACID'
8 water water
#
loop_
_entity_poly.entity_id
_entity_poly.type
_entity_poly.pdbx_seq_one_letter_code
_entity_poly.pdbx_strand_id
1 'polypeptide(L)'
;MRTHSLRYFRLGVSDPIHGVPEFISVGYVDSHPITTYDSVTRQKEPRAPWMAENLAPDHWERYTQLLRGWQQMFKVELKR
LQRHYNHSGSHTYQRMIGCELLEDGSTTGFLQYAYDGQDFLIFNKDTLSWLAVDNVAHTIKQAWEANQHELLYQKNWLEE
ECIAWLKRFLEYGKDTLQRTEPPLVRVNRKETFPGVTALFCKAHGFYPPEIYMTWMKNGEEIVQEIDYGDILPSGDGTYQ
AWASIELDPQSSNLYSCHVEHSGVHMVLQVPGSGGGLNDIFEAQKIEWHE
;
A
2 'polypeptide(L)'
;MIQRTPKIQVYSRHPAENGKSNFLNCYVSGFHPSDIEVDLLKNGERIEKVEHSDLSFSKDWSFYLLYYTEFTPTEKDEYA
CRVNHVTLSQPKIVKWDRDM
;
B
3 'polypeptide(L)'
;MAGQNIDQPTEMTATEGAIVQINCTYQTSGFNGLFWYQQHAGEAPTFLSYNVLDGLEEKGRFSSFLSRSKGYSYLLLKEL
QMKDSASYLCAFLDSNYQLIWGAGTKLIIKPDIQNPDPAVYQLRDSKSSDKSVCLFTDFDSQTNVSQSKDSDVYITDKCV
LDMRSMDFKSNSAVAWSNKSDFACANAFNNSIIPEDTFFPSPESS
;
D
4 'polypeptide(L)'
;NAGVTQTPKFQVLKTGQSMTLQCAQDMNHNYMYWYRQDPGMGLRLIYYSASEGTTDKGEVPNGYNVSRSTTEDFPLRLLS
AAPSQTSVYFCASSNREYSPLHFGNGTRLTVTEDLNKVFPPEVAVFEPSEAEISHTQKATLVCLATGFYPDHVELSWWVN
GKEVHSGVCTDPQPLKEQPALNDSRYALSSRLRVSATFWQDPRNHFRCQVQFYGLSENDEWTQDRAKPVTQIVSAEAWGR
ADAAAGAAEQKLISEEDLNGAA
;
E
#
# COMPACT_ATOMS: atom_id res chain seq x y z
N MET A 1 29.47 17.88 -11.15
CA MET A 1 29.76 17.36 -9.77
C MET A 1 30.36 15.95 -9.84
N ARG A 2 30.58 15.36 -8.67
CA ARG A 2 31.15 13.99 -8.50
C ARG A 2 30.02 13.01 -8.18
N THR A 3 30.35 11.72 -8.23
CA THR A 3 29.45 10.59 -7.89
C THR A 3 28.80 10.85 -6.53
N HIS A 4 27.51 10.59 -6.39
CA HIS A 4 26.81 10.55 -5.08
C HIS A 4 26.01 9.24 -4.98
N SER A 5 25.52 8.90 -3.79
CA SER A 5 24.88 7.61 -3.45
C SER A 5 23.80 7.85 -2.38
N LEU A 6 22.64 7.23 -2.53
CA LEU A 6 21.66 7.02 -1.42
C LEU A 6 21.66 5.53 -1.13
N ARG A 7 21.89 5.16 0.13
CA ARG A 7 21.84 3.78 0.65
C ARG A 7 20.95 3.77 1.89
N TYR A 8 20.13 2.73 2.06
CA TYR A 8 19.41 2.44 3.32
C TYR A 8 19.82 1.06 3.79
N PHE A 9 20.19 0.96 5.05
CA PHE A 9 20.63 -0.29 5.69
C PHE A 9 19.56 -0.71 6.70
N ARG A 10 19.33 -2.00 6.80
CA ARG A 10 18.44 -2.56 7.84
C ARG A 10 19.21 -3.63 8.57
N LEU A 11 19.02 -3.68 9.88
CA LEU A 11 19.63 -4.69 10.78
C LEU A 11 18.50 -5.22 11.66
N GLY A 12 18.37 -6.54 11.70
CA GLY A 12 17.49 -7.17 12.68
C GLY A 12 18.25 -8.22 13.43
N VAL A 13 17.83 -8.42 14.67
CA VAL A 13 18.44 -9.37 15.61
C VAL A 13 17.26 -10.04 16.31
N SER A 14 17.27 -11.37 16.27
CA SER A 14 16.30 -12.26 16.95
C SER A 14 16.71 -12.32 18.42
N ASP A 15 15.75 -12.53 19.33
CA ASP A 15 15.99 -12.58 20.81
C ASP A 15 17.21 -11.75 21.17
N PRO A 16 17.16 -10.41 20.96
CA PRO A 16 18.31 -9.55 21.25
C PRO A 16 18.39 -9.29 22.76
N ILE A 17 19.60 -9.06 23.30
CA ILE A 17 19.81 -8.83 24.76
C ILE A 17 19.02 -7.56 25.13
N HIS A 18 18.91 -7.22 26.42
CA HIS A 18 18.17 -6.04 26.91
C HIS A 18 18.87 -4.79 26.37
N GLY A 19 18.11 -3.72 26.10
CA GLY A 19 18.62 -2.45 25.52
C GLY A 19 18.76 -2.51 24.00
N VAL A 20 19.36 -3.58 23.45
CA VAL A 20 19.66 -3.81 22.00
C VAL A 20 18.36 -3.88 21.19
N PRO A 21 18.17 -2.98 20.19
CA PRO A 21 17.06 -3.08 19.25
C PRO A 21 16.95 -4.40 18.47
N GLU A 22 15.72 -4.91 18.34
CA GLU A 22 15.30 -5.99 17.41
C GLU A 22 15.59 -5.55 15.97
N PHE A 23 15.44 -4.25 15.70
CA PHE A 23 15.49 -3.74 14.32
C PHE A 23 15.97 -2.28 14.31
N ILE A 24 16.88 -1.96 13.39
CA ILE A 24 17.39 -0.58 13.10
C ILE A 24 17.35 -0.38 11.59
N SER A 25 16.99 0.83 11.15
CA SER A 25 17.10 1.28 9.76
C SER A 25 17.79 2.65 9.78
N VAL A 26 18.82 2.81 8.95
CA VAL A 26 19.54 4.10 8.77
C VAL A 26 19.76 4.34 7.29
N GLY A 27 19.59 5.60 6.87
CA GLY A 27 19.86 6.05 5.49
C GLY A 27 21.07 6.94 5.42
N TYR A 28 21.81 6.83 4.33
CA TYR A 28 23.05 7.61 4.08
C TYR A 28 22.97 8.22 2.67
N VAL A 29 23.37 9.48 2.55
CA VAL A 29 23.81 10.06 1.25
C VAL A 29 25.33 10.13 1.33
N ASP A 30 26.01 9.39 0.47
CA ASP A 30 27.49 9.22 0.59
C ASP A 30 27.70 8.78 2.04
N SER A 31 28.63 9.39 2.76
CA SER A 31 29.03 8.95 4.12
C SER A 31 28.09 9.55 5.20
N HIS A 32 27.29 10.58 4.87
CA HIS A 32 26.44 11.35 5.84
C HIS A 32 25.16 10.60 6.20
N PRO A 33 24.92 10.29 7.50
CA PRO A 33 23.63 9.74 7.94
C PRO A 33 22.53 10.77 7.65
N ILE A 34 21.37 10.36 7.12
CA ILE A 34 20.24 11.31 6.87
C ILE A 34 19.03 10.96 7.73
N THR A 35 18.83 9.69 8.06
CA THR A 35 17.58 9.22 8.67
C THR A 35 17.88 7.99 9.51
N THR A 36 17.01 7.74 10.49
CA THR A 36 17.14 6.68 11.49
C THR A 36 15.70 6.27 11.85
N TYR A 37 15.51 4.97 12.01
CA TYR A 37 14.31 4.32 12.63
C TYR A 37 14.76 3.07 13.40
N ASP A 38 14.14 2.80 14.54
CA ASP A 38 14.43 1.52 15.27
C ASP A 38 13.12 1.08 15.95
N SER A 39 13.20 -0.18 16.50
CA SER A 39 12.17 -0.85 17.34
C SER A 39 11.98 -0.19 18.74
N VAL A 40 12.93 0.58 19.28
CA VAL A 40 12.81 1.15 20.66
C VAL A 40 12.08 2.52 20.61
N THR A 41 12.49 3.41 19.69
CA THR A 41 11.85 4.74 19.43
C THR A 41 10.55 4.59 18.62
N ARG A 42 10.49 3.65 17.68
CA ARG A 42 9.37 3.44 16.70
C ARG A 42 9.06 4.73 15.92
N GLN A 43 10.08 5.50 15.55
CA GLN A 43 9.93 6.82 14.87
C GLN A 43 11.04 7.00 13.84
N LYS A 44 10.67 7.48 12.66
CA LYS A 44 11.64 7.89 11.62
C LYS A 44 12.02 9.34 11.94
N GLU A 45 13.29 9.59 12.24
CA GLU A 45 13.83 10.90 12.67
C GLU A 45 14.95 11.28 11.70
N PRO A 46 15.12 12.58 11.37
CA PRO A 46 16.26 13.03 10.56
C PRO A 46 17.57 12.84 11.32
N ARG A 47 18.69 12.64 10.62
CA ARG A 47 20.02 12.55 11.25
C ARG A 47 20.90 13.69 10.74
N ALA A 48 20.36 14.63 9.97
CA ALA A 48 21.08 15.81 9.49
C ALA A 48 20.12 16.99 9.50
N PRO A 49 20.53 18.20 9.93
CA PRO A 49 19.59 19.33 10.08
C PRO A 49 18.97 19.82 8.75
N TRP A 50 19.65 19.58 7.63
CA TRP A 50 19.21 19.96 6.26
C TRP A 50 18.18 18.96 5.72
N MET A 51 18.09 17.76 6.33
CA MET A 51 16.93 16.83 6.22
C MET A 51 15.76 17.35 7.08
N ALA A 52 15.98 17.67 8.37
CA ALA A 52 14.91 18.09 9.30
C ALA A 52 14.29 19.42 8.83
N GLU A 53 15.03 20.24 8.10
CA GLU A 53 14.55 21.61 7.74
C GLU A 53 13.73 21.61 6.45
N ASN A 54 13.93 20.62 5.56
CA ASN A 54 13.40 20.61 4.16
C ASN A 54 12.29 19.56 3.99
N LEU A 55 11.91 18.87 5.06
CA LEU A 55 10.93 17.77 5.06
C LEU A 55 9.98 18.00 6.23
N ALA A 56 8.68 18.17 5.93
CA ALA A 56 7.62 18.54 6.90
C ALA A 56 7.31 17.36 7.82
N PRO A 57 6.58 17.60 8.95
CA PRO A 57 6.16 16.52 9.85
C PRO A 57 5.44 15.34 9.20
N ASP A 58 4.72 15.56 8.10
CA ASP A 58 3.93 14.47 7.47
C ASP A 58 4.90 13.49 6.80
N HIS A 59 6.08 13.94 6.36
CA HIS A 59 7.08 13.03 5.74
C HIS A 59 7.49 12.00 6.79
N TRP A 60 7.78 12.48 8.01
CA TRP A 60 8.30 11.65 9.13
C TRP A 60 7.15 10.81 9.66
N GLU A 61 5.94 11.36 9.74
CA GLU A 61 4.74 10.62 10.19
C GLU A 61 4.50 9.41 9.27
N ARG A 62 4.57 9.65 7.97
CA ARG A 62 4.32 8.61 6.95
C ARG A 62 5.42 7.54 7.00
N TYR A 63 6.71 7.93 7.07
CA TYR A 63 7.78 6.92 6.99
C TYR A 63 7.85 6.17 8.33
N THR A 64 7.35 6.78 9.41
CA THR A 64 7.22 6.10 10.72
C THR A 64 6.35 4.85 10.45
N GLN A 65 5.16 5.05 9.90
CA GLN A 65 4.20 3.95 9.61
C GLN A 65 4.86 2.96 8.66
N LEU A 66 5.54 3.43 7.60
CA LEU A 66 6.21 2.49 6.67
C LEU A 66 7.26 1.63 7.43
N LEU A 67 8.10 2.25 8.25
CA LEU A 67 9.23 1.57 8.97
C LEU A 67 8.75 0.63 10.13
N ARG A 68 7.61 0.95 10.72
CA ARG A 68 6.84 -0.06 11.54
C ARG A 68 6.46 -1.31 10.72
N GLY A 69 5.90 -1.13 9.52
CA GLY A 69 5.57 -2.26 8.61
C GLY A 69 6.80 -3.08 8.30
N TRP A 70 7.88 -2.40 7.91
CA TRP A 70 9.15 -3.06 7.46
C TRP A 70 9.76 -3.82 8.63
N GLN A 71 9.66 -3.27 9.83
CA GLN A 71 10.19 -3.90 11.07
C GLN A 71 9.48 -5.25 11.25
N GLN A 72 8.16 -5.25 11.08
CA GLN A 72 7.31 -6.47 11.27
C GLN A 72 7.71 -7.50 10.21
N MET A 73 7.81 -7.09 8.95
CA MET A 73 8.19 -7.98 7.81
C MET A 73 9.55 -8.62 8.12
N PHE A 74 10.49 -7.81 8.62
CA PHE A 74 11.90 -8.23 8.80
C PHE A 74 11.97 -9.33 9.87
N LYS A 75 11.26 -9.11 10.98
CA LYS A 75 11.08 -10.08 12.08
C LYS A 75 10.56 -11.41 11.51
N VAL A 76 9.58 -11.37 10.61
CA VAL A 76 8.93 -12.58 10.06
C VAL A 76 9.88 -13.27 9.08
N GLU A 77 10.46 -12.51 8.15
CA GLU A 77 11.52 -13.04 7.25
C GLU A 77 12.55 -13.82 8.08
N LEU A 78 13.00 -13.25 9.22
CA LEU A 78 14.17 -13.73 10.00
C LEU A 78 13.81 -15.03 10.73
N LYS A 79 12.60 -15.11 11.30
CA LYS A 79 12.11 -16.34 11.94
C LYS A 79 12.00 -17.43 10.86
N ARG A 80 11.47 -17.09 9.67
CA ARG A 80 11.37 -18.06 8.56
C ARG A 80 12.78 -18.55 8.18
N LEU A 81 13.74 -17.64 7.98
CA LEU A 81 15.13 -18.01 7.57
C LEU A 81 15.77 -18.96 8.59
N GLN A 82 15.45 -18.77 9.88
CA GLN A 82 16.07 -19.51 11.01
C GLN A 82 15.51 -20.94 11.02
N ARG A 83 14.20 -21.08 10.89
CA ARG A 83 13.59 -22.43 10.84
C ARG A 83 14.10 -23.18 9.60
N HIS A 84 14.17 -22.54 8.42
CA HIS A 84 14.74 -23.17 7.20
C HIS A 84 16.11 -23.77 7.53
N TYR A 85 16.93 -23.08 8.34
CA TYR A 85 18.30 -23.49 8.75
C TYR A 85 18.29 -24.36 10.02
N ASN A 86 17.15 -24.46 10.72
CA ASN A 86 17.03 -25.05 12.09
C ASN A 86 18.03 -24.37 13.03
N HIS A 87 18.11 -23.03 12.96
CA HIS A 87 18.93 -22.15 13.84
C HIS A 87 18.08 -21.73 15.02
N SER A 88 18.60 -21.89 16.23
CA SER A 88 18.05 -21.33 17.49
C SER A 88 18.98 -20.22 17.96
N GLY A 89 18.59 -19.47 19.00
CA GLY A 89 19.35 -18.34 19.56
C GLY A 89 19.30 -17.09 18.67
N SER A 90 20.09 -16.08 19.02
CA SER A 90 20.10 -14.77 18.35
C SER A 90 20.82 -14.87 17.00
N HIS A 91 20.21 -14.39 15.93
CA HIS A 91 20.78 -14.41 14.56
C HIS A 91 20.45 -13.09 13.92
N THR A 92 21.17 -12.79 12.85
CA THR A 92 21.20 -11.48 12.17
C THR A 92 20.65 -11.61 10.76
N TYR A 93 19.90 -10.60 10.35
CA TYR A 93 19.42 -10.37 8.97
C TYR A 93 19.75 -8.92 8.64
N GLN A 94 20.39 -8.67 7.50
CA GLN A 94 20.75 -7.30 7.08
C GLN A 94 20.33 -7.15 5.63
N ARG A 95 19.92 -5.94 5.26
CA ARG A 95 19.58 -5.52 3.90
C ARG A 95 20.32 -4.22 3.63
N MET A 96 20.82 -4.07 2.40
CA MET A 96 21.29 -2.78 1.86
C MET A 96 20.60 -2.58 0.51
N ILE A 97 20.01 -1.42 0.33
CA ILE A 97 19.38 -0.99 -0.93
C ILE A 97 19.91 0.40 -1.21
N GLY A 98 20.11 0.72 -2.49
CA GLY A 98 20.30 2.11 -2.96
C GLY A 98 20.76 2.20 -4.39
N CYS A 99 21.19 3.39 -4.76
CA CYS A 99 21.45 3.82 -6.14
C CYS A 99 22.62 4.79 -6.12
N GLU A 100 23.33 4.92 -7.24
CA GLU A 100 24.40 5.95 -7.42
C GLU A 100 24.09 6.81 -8.65
N LEU A 101 24.32 8.11 -8.54
CA LEU A 101 24.38 9.05 -9.68
C LEU A 101 25.86 9.37 -9.97
N LEU A 102 26.38 8.98 -11.13
CA LEU A 102 27.84 9.12 -11.45
C LEU A 102 28.10 10.49 -12.09
N GLU A 103 29.38 10.80 -12.35
CA GLU A 103 29.80 12.05 -13.03
C GLU A 103 29.10 12.12 -14.39
N ASP A 104 29.03 11.00 -15.12
CA ASP A 104 28.55 10.91 -16.55
C ASP A 104 27.05 11.21 -16.68
N GLY A 105 26.26 11.11 -15.62
CA GLY A 105 24.78 11.09 -15.72
C GLY A 105 24.22 9.69 -15.56
N SER A 106 25.05 8.65 -15.78
CA SER A 106 24.69 7.21 -15.66
C SER A 106 24.41 6.85 -14.20
N THR A 107 23.60 5.81 -13.99
CA THR A 107 23.11 5.38 -12.65
C THR A 107 23.48 3.92 -12.43
N THR A 108 23.58 3.55 -11.16
CA THR A 108 23.59 2.14 -10.73
C THR A 108 22.54 2.03 -9.63
N GLY A 109 22.20 0.78 -9.30
CA GLY A 109 21.26 0.41 -8.24
C GLY A 109 21.55 -0.99 -7.76
N PHE A 110 21.20 -1.32 -6.53
CA PHE A 110 21.64 -2.58 -5.91
C PHE A 110 20.71 -2.82 -4.73
N LEU A 111 20.55 -4.09 -4.39
CA LEU A 111 19.73 -4.60 -3.26
C LEU A 111 20.35 -5.94 -2.91
N GLN A 112 20.84 -6.11 -1.67
CA GLN A 112 21.31 -7.43 -1.18
C GLN A 112 20.87 -7.59 0.27
N TYR A 113 20.88 -8.85 0.70
CA TYR A 113 20.58 -9.34 2.07
C TYR A 113 21.77 -10.17 2.54
N ALA A 114 22.07 -10.11 3.85
CA ALA A 114 23.03 -10.99 4.53
C ALA A 114 22.34 -11.69 5.71
N TYR A 115 22.74 -12.92 5.98
CA TYR A 115 22.33 -13.68 7.18
C TYR A 115 23.58 -13.89 8.02
N ASP A 116 23.47 -13.63 9.33
CA ASP A 116 24.62 -13.66 10.27
C ASP A 116 25.86 -13.14 9.53
N GLY A 117 25.73 -12.00 8.85
CA GLY A 117 26.86 -11.17 8.36
C GLY A 117 27.52 -11.71 7.10
N GLN A 118 26.90 -12.72 6.45
CA GLN A 118 27.36 -13.37 5.19
C GLN A 118 26.39 -13.07 4.03
N ASP A 119 26.93 -12.72 2.86
CA ASP A 119 26.19 -12.72 1.57
C ASP A 119 25.16 -13.83 1.61
N PHE A 120 23.89 -13.52 1.29
CA PHE A 120 22.76 -14.48 1.23
C PHE A 120 22.02 -14.32 -0.11
N LEU A 121 21.44 -13.14 -0.36
CA LEU A 121 20.75 -12.83 -1.63
C LEU A 121 21.28 -11.53 -2.20
N ILE A 122 21.62 -11.53 -3.49
CA ILE A 122 22.01 -10.32 -4.27
C ILE A 122 21.07 -10.19 -5.47
N PHE A 123 20.38 -9.07 -5.64
CA PHE A 123 19.40 -8.82 -6.74
C PHE A 123 20.15 -8.33 -8.00
N ASN A 124 19.77 -8.82 -9.18
CA ASN A 124 20.21 -8.24 -10.47
C ASN A 124 18.99 -7.55 -11.12
N LYS A 125 18.92 -6.21 -11.16
CA LYS A 125 17.73 -5.45 -11.61
C LYS A 125 17.64 -5.51 -13.15
N ASP A 126 18.70 -5.93 -13.85
CA ASP A 126 18.75 -5.94 -15.34
C ASP A 126 18.20 -7.27 -15.85
N THR A 127 18.58 -8.39 -15.25
CA THR A 127 18.07 -9.74 -15.59
C THR A 127 16.83 -10.07 -14.75
N LEU A 128 16.45 -9.17 -13.83
CA LEU A 128 15.28 -9.29 -12.92
C LEU A 128 15.32 -10.64 -12.21
N SER A 129 16.49 -10.96 -11.65
CA SER A 129 16.80 -12.22 -10.95
C SER A 129 17.65 -11.98 -9.69
N TRP A 130 17.72 -13.03 -8.88
CA TRP A 130 18.29 -13.08 -7.52
C TRP A 130 19.39 -14.17 -7.50
N LEU A 131 20.60 -13.84 -7.03
CA LEU A 131 21.69 -14.83 -6.84
C LEU A 131 21.62 -15.32 -5.40
N ALA A 132 21.80 -16.63 -5.23
CA ALA A 132 21.71 -17.28 -3.91
C ALA A 132 23.02 -18.00 -3.62
N VAL A 133 23.56 -17.80 -2.41
CA VAL A 133 24.84 -18.40 -1.94
C VAL A 133 24.65 -19.90 -1.73
N ASP A 134 23.45 -20.26 -1.27
CA ASP A 134 23.11 -21.66 -0.91
C ASP A 134 21.70 -22.02 -1.40
N ASN A 135 21.14 -23.13 -0.90
CA ASN A 135 19.84 -23.63 -1.41
C ASN A 135 18.67 -23.04 -0.61
N VAL A 136 18.88 -22.74 0.67
CA VAL A 136 17.81 -22.07 1.46
C VAL A 136 17.54 -20.70 0.81
N ALA A 137 18.60 -20.03 0.38
CA ALA A 137 18.42 -18.74 -0.31
C ALA A 137 17.70 -18.99 -1.63
N HIS A 138 18.12 -20.01 -2.37
CA HIS A 138 17.49 -20.32 -3.67
C HIS A 138 15.98 -20.44 -3.48
N THR A 139 15.58 -21.24 -2.51
CA THR A 139 14.14 -21.42 -2.23
C THR A 139 13.46 -20.05 -2.15
N ILE A 140 13.99 -19.13 -1.34
CA ILE A 140 13.36 -17.79 -1.16
C ILE A 140 13.40 -17.02 -2.48
N LYS A 141 14.53 -17.06 -3.17
CA LYS A 141 14.68 -16.39 -4.49
C LYS A 141 13.59 -16.85 -5.45
N GLN A 142 13.29 -18.15 -5.45
CA GLN A 142 12.30 -18.70 -6.40
C GLN A 142 10.94 -18.06 -6.14
N ALA A 143 10.48 -18.08 -4.89
CA ALA A 143 9.21 -17.45 -4.52
C ALA A 143 9.18 -16.00 -5.04
N TRP A 144 10.24 -15.25 -4.76
CA TRP A 144 10.38 -13.83 -5.16
C TRP A 144 10.42 -13.73 -6.69
N GLU A 145 11.17 -14.60 -7.36
CA GLU A 145 11.21 -14.57 -8.84
C GLU A 145 9.84 -14.97 -9.43
N ALA A 146 8.95 -15.61 -8.68
CA ALA A 146 7.60 -16.01 -9.18
C ALA A 146 6.70 -14.79 -9.30
N ASN A 147 6.96 -13.77 -8.48
CA ASN A 147 6.21 -12.49 -8.42
C ASN A 147 6.87 -11.47 -9.35
N GLN A 148 6.44 -11.45 -10.60
CA GLN A 148 6.97 -10.54 -11.65
C GLN A 148 6.63 -9.08 -11.28
N HIS A 149 5.49 -8.84 -10.61
CA HIS A 149 4.97 -7.46 -10.41
C HIS A 149 5.94 -6.75 -9.46
N GLU A 150 6.31 -7.45 -8.38
CA GLU A 150 7.29 -7.07 -7.35
C GLU A 150 8.70 -6.85 -7.94
N LEU A 151 9.22 -7.77 -8.77
CA LEU A 151 10.55 -7.62 -9.42
C LEU A 151 10.56 -6.31 -10.20
N LEU A 152 9.52 -6.07 -11.02
CA LEU A 152 9.36 -4.85 -11.86
C LEU A 152 9.26 -3.62 -10.96
N TYR A 153 8.47 -3.70 -9.89
CA TYR A 153 8.41 -2.65 -8.85
C TYR A 153 9.81 -2.23 -8.33
N GLN A 154 10.65 -3.20 -7.93
CA GLN A 154 12.02 -2.99 -7.38
C GLN A 154 12.88 -2.30 -8.44
N LYS A 155 12.90 -2.86 -9.66
CA LYS A 155 13.71 -2.31 -10.77
C LYS A 155 13.34 -0.82 -10.89
N ASN A 156 12.03 -0.53 -10.93
CA ASN A 156 11.52 0.84 -11.10
C ASN A 156 12.02 1.67 -9.93
N TRP A 157 11.94 1.12 -8.74
CA TRP A 157 12.27 1.86 -7.50
C TRP A 157 13.77 2.22 -7.54
N LEU A 158 14.64 1.28 -7.92
CA LEU A 158 16.11 1.51 -7.94
C LEU A 158 16.44 2.53 -9.03
N GLU A 159 15.87 2.38 -10.22
CA GLU A 159 16.30 3.15 -11.41
C GLU A 159 15.64 4.54 -11.43
N GLU A 160 14.47 4.73 -10.81
CA GLU A 160 13.65 5.97 -10.97
C GLU A 160 13.42 6.64 -9.61
N GLU A 161 12.69 6.00 -8.68
CA GLU A 161 12.40 6.58 -7.34
C GLU A 161 13.71 6.88 -6.57
N CYS A 162 14.59 5.90 -6.41
CA CYS A 162 15.81 6.03 -5.58
C CYS A 162 16.61 7.22 -6.09
N ILE A 163 16.78 7.31 -7.42
CA ILE A 163 17.58 8.40 -8.02
C ILE A 163 16.84 9.71 -7.75
N ALA A 164 15.52 9.78 -7.92
CA ALA A 164 14.69 10.98 -7.67
C ALA A 164 14.91 11.47 -6.24
N TRP A 165 14.97 10.54 -5.28
CA TRP A 165 15.19 10.86 -3.84
C TRP A 165 16.62 11.40 -3.66
N LEU A 166 17.60 10.73 -4.26
CA LEU A 166 19.02 11.16 -4.23
C LEU A 166 19.11 12.61 -4.71
N LYS A 167 18.48 12.96 -5.83
CA LYS A 167 18.59 14.33 -6.41
C LYS A 167 18.00 15.36 -5.42
N ARG A 168 16.88 15.02 -4.78
CA ARG A 168 16.13 15.89 -3.85
C ARG A 168 16.95 16.13 -2.57
N PHE A 169 17.59 15.08 -2.07
CA PHE A 169 18.43 15.14 -0.84
C PHE A 169 19.75 15.91 -1.11
N LEU A 170 20.36 15.75 -2.29
CA LEU A 170 21.59 16.49 -2.70
C LEU A 170 21.32 17.98 -2.70
N GLU A 171 20.19 18.38 -3.28
CA GLU A 171 19.74 19.80 -3.28
C GLU A 171 19.63 20.29 -1.84
N TYR A 172 18.90 19.58 -0.99
CA TYR A 172 18.70 19.95 0.43
C TYR A 172 20.06 20.10 1.14
N GLY A 173 21.01 19.21 0.89
CA GLY A 173 22.28 19.12 1.65
C GLY A 173 23.49 19.50 0.78
N LYS A 174 23.33 20.36 -0.24
CA LYS A 174 24.41 20.59 -1.26
C LYS A 174 25.63 21.25 -0.61
N ASP A 175 25.43 22.20 0.31
CA ASP A 175 26.50 22.97 1.00
C ASP A 175 27.41 21.99 1.74
N THR A 176 26.85 20.95 2.34
CA THR A 176 27.63 19.88 2.99
C THR A 176 28.13 18.93 1.90
N LEU A 177 27.26 18.42 1.04
CA LEU A 177 27.55 17.18 0.29
C LEU A 177 28.50 17.49 -0.87
N GLN A 178 28.47 18.72 -1.39
CA GLN A 178 29.26 19.12 -2.58
C GLN A 178 30.39 20.08 -2.21
N ARG A 179 30.65 20.34 -0.92
CA ARG A 179 31.83 21.13 -0.50
C ARG A 179 33.13 20.32 -0.68
N THR A 180 34.25 21.01 -0.70
CA THR A 180 35.62 20.40 -0.66
C THR A 180 36.38 21.06 0.50
N GLU A 181 36.96 20.27 1.39
CA GLU A 181 37.89 20.76 2.45
C GLU A 181 39.24 20.14 2.17
N PRO A 182 40.15 20.90 1.52
CA PRO A 182 41.47 20.38 1.19
C PRO A 182 42.18 19.90 2.45
N PRO A 183 43.12 18.93 2.32
CA PRO A 183 43.88 18.45 3.47
C PRO A 183 44.99 19.42 3.92
N LEU A 184 45.10 19.63 5.23
CA LEU A 184 46.37 20.07 5.89
C LEU A 184 47.29 18.87 5.99
N VAL A 185 48.46 18.97 5.37
CA VAL A 185 49.44 17.86 5.32
C VAL A 185 50.77 18.30 5.92
N ARG A 186 51.41 17.44 6.72
CA ARG A 186 52.70 17.73 7.41
C ARG A 186 53.54 16.44 7.48
N VAL A 187 54.84 16.56 7.73
CA VAL A 187 55.79 15.43 7.93
C VAL A 187 56.38 15.48 9.35
N ASN A 188 56.34 14.36 10.08
CA ASN A 188 56.98 14.13 11.41
C ASN A 188 57.96 12.95 11.28
N ARG A 189 59.18 13.06 11.86
CA ARG A 189 60.22 11.99 11.95
C ARG A 189 59.97 11.14 13.22
N LYS A 190 60.46 9.89 13.30
CA LYS A 190 60.17 8.98 14.46
C LYS A 190 61.05 7.71 14.49
N GLU A 191 60.51 6.57 14.95
CA GLU A 191 61.18 5.23 15.07
C GLU A 191 60.20 4.25 15.73
N THR A 197 64.06 5.36 12.67
CA THR A 197 64.06 6.56 11.76
C THR A 197 62.99 6.37 10.67
N ALA A 198 61.74 6.75 10.99
CA ALA A 198 60.56 6.75 10.08
C ALA A 198 60.04 8.19 9.82
N LEU A 199 59.58 8.44 8.59
CA LEU A 199 58.91 9.70 8.18
C LEU A 199 57.41 9.44 8.11
N PHE A 200 56.60 10.38 8.57
CA PHE A 200 55.14 10.26 8.61
C PHE A 200 54.50 11.45 7.90
N CYS A 201 53.96 11.19 6.72
CA CYS A 201 53.06 12.10 5.98
C CYS A 201 51.64 11.98 6.56
N LYS A 202 51.13 13.01 7.21
CA LYS A 202 49.82 12.98 7.90
C LYS A 202 48.94 14.08 7.30
N ALA A 203 47.70 13.73 6.99
CA ALA A 203 46.71 14.65 6.41
C ALA A 203 45.49 14.67 7.30
N HIS A 204 44.86 15.84 7.47
CA HIS A 204 43.62 16.03 8.27
C HIS A 204 42.81 17.23 7.75
N GLY A 205 41.60 17.38 8.27
CA GLY A 205 40.67 18.45 7.90
C GLY A 205 40.11 18.26 6.50
N PHE A 206 40.21 17.06 5.92
CA PHE A 206 39.81 16.85 4.50
C PHE A 206 38.40 16.24 4.36
N TYR A 207 37.77 16.64 3.26
CA TYR A 207 36.45 16.16 2.76
C TYR A 207 36.39 16.49 1.27
N PRO A 208 35.93 15.56 0.40
CA PRO A 208 35.46 14.23 0.82
C PRO A 208 36.57 13.27 1.21
N PRO A 209 36.23 12.13 1.85
CA PRO A 209 37.24 11.18 2.34
C PRO A 209 38.18 10.55 1.31
N GLU A 210 37.80 10.46 0.04
CA GLU A 210 38.70 9.84 -0.96
C GLU A 210 39.96 10.73 -1.03
N ILE A 211 41.13 10.15 -0.75
CA ILE A 211 42.46 10.80 -0.83
C ILE A 211 43.46 9.73 -1.25
N TYR A 212 44.50 10.11 -1.98
CA TYR A 212 45.64 9.25 -2.32
C TYR A 212 46.90 9.84 -1.69
N MET A 213 47.69 9.00 -1.01
CA MET A 213 48.97 9.40 -0.38
C MET A 213 50.03 8.34 -0.68
N THR A 214 51.19 8.79 -1.14
CA THR A 214 52.35 7.92 -1.40
C THR A 214 53.64 8.64 -0.98
N TRP A 215 54.78 7.96 -1.18
CA TRP A 215 56.16 8.42 -0.87
C TRP A 215 57.05 8.13 -2.07
N MET A 216 58.08 8.95 -2.30
CA MET A 216 58.99 8.85 -3.47
C MET A 216 60.38 9.39 -3.10
N LYS A 217 61.42 8.59 -3.38
CA LYS A 217 62.84 9.02 -3.41
C LYS A 217 63.15 9.53 -4.82
N ASN A 218 63.70 10.75 -4.93
CA ASN A 218 64.24 11.33 -6.20
C ASN A 218 63.20 11.34 -7.32
N GLY A 219 61.89 11.38 -6.99
CA GLY A 219 60.80 11.15 -7.96
C GLY A 219 60.85 9.75 -8.57
N GLU A 220 60.98 8.71 -7.74
CA GLU A 220 60.92 7.26 -8.09
C GLU A 220 60.23 6.51 -6.94
N GLU A 221 59.35 5.55 -7.27
CA GLU A 221 58.33 5.04 -6.33
C GLU A 221 58.80 3.71 -5.71
N GLU A 225 57.08 -0.15 -0.53
CA GLU A 225 57.11 -0.67 0.86
C GLU A 225 56.79 0.43 1.88
N ILE A 226 55.51 0.63 2.19
CA ILE A 226 54.93 1.83 2.86
C ILE A 226 53.82 1.36 3.81
N ASP A 227 53.78 1.90 5.03
CA ASP A 227 52.62 1.70 5.93
C ASP A 227 51.57 2.77 5.59
N TYR A 228 50.32 2.36 5.46
CA TYR A 228 49.15 3.24 5.24
C TYR A 228 48.31 3.23 6.52
N GLY A 229 48.17 4.40 7.15
CA GLY A 229 47.06 4.67 8.09
C GLY A 229 45.73 4.84 7.35
N ASP A 230 44.70 4.07 7.71
CA ASP A 230 43.32 4.14 7.13
C ASP A 230 42.77 5.55 7.19
N ILE A 231 41.78 5.83 6.36
CA ILE A 231 41.06 7.11 6.35
C ILE A 231 40.04 7.08 7.48
N LEU A 232 40.24 7.87 8.53
CA LEU A 232 39.37 7.83 9.73
C LEU A 232 38.55 9.11 9.82
N PRO A 233 37.30 9.03 10.34
CA PRO A 233 36.50 10.22 10.62
C PRO A 233 37.09 10.97 11.83
N SER A 234 37.25 12.28 11.70
CA SER A 234 37.85 13.16 12.73
C SER A 234 36.78 13.61 13.73
N GLY A 235 35.51 13.47 13.34
CA GLY A 235 34.35 13.66 14.22
C GLY A 235 33.66 14.98 13.96
N ASP A 236 34.19 15.81 13.08
CA ASP A 236 33.61 17.14 12.78
C ASP A 236 33.13 17.23 11.32
N GLY A 237 33.01 16.11 10.61
CA GLY A 237 32.66 16.11 9.18
C GLY A 237 33.89 15.97 8.31
N THR A 238 35.09 16.12 8.86
CA THR A 238 36.36 15.91 8.12
C THR A 238 36.98 14.58 8.55
N TYR A 239 38.12 14.27 7.95
CA TYR A 239 38.75 12.93 7.87
C TYR A 239 40.24 13.14 8.02
N GLN A 240 40.99 12.08 8.35
CA GLN A 240 42.47 12.16 8.52
C GLN A 240 43.10 10.83 8.13
N ALA A 241 44.39 10.83 7.81
CA ALA A 241 45.12 9.62 7.34
C ALA A 241 46.60 9.95 7.24
N TRP A 242 47.46 8.94 7.20
CA TRP A 242 48.93 9.03 7.11
C TRP A 242 49.50 7.91 6.23
N ALA A 243 50.73 8.10 5.76
CA ALA A 243 51.56 7.07 5.08
C ALA A 243 52.98 7.23 5.59
N SER A 244 53.72 6.13 5.79
CA SER A 244 55.05 6.12 6.45
C SER A 244 56.07 5.21 5.74
N ILE A 245 57.36 5.53 5.90
CA ILE A 245 58.54 4.79 5.37
C ILE A 245 59.66 4.88 6.42
N GLU A 246 60.85 4.33 6.12
CA GLU A 246 62.04 4.32 7.03
C GLU A 246 63.17 5.19 6.45
N SER A 252 69.68 5.34 -0.33
CA SER A 252 69.09 6.60 -0.89
C SER A 252 69.47 7.82 -0.02
N ASN A 253 68.82 8.96 -0.29
CA ASN A 253 68.97 10.22 0.48
C ASN A 253 67.64 10.97 0.52
N LEU A 254 67.17 11.53 -0.61
CA LEU A 254 66.17 12.63 -0.65
C LEU A 254 64.76 12.12 -1.01
N TYR A 255 63.83 12.33 -0.08
CA TYR A 255 62.45 11.77 -0.07
C TYR A 255 61.42 12.91 -0.13
N SER A 256 60.18 12.59 -0.52
CA SER A 256 59.08 13.57 -0.66
C SER A 256 57.74 12.85 -0.54
N CYS A 257 56.82 13.45 0.20
CA CYS A 257 55.43 12.95 0.35
C CYS A 257 54.52 13.55 -0.74
N HIS A 258 53.65 12.75 -1.39
CA HIS A 258 52.72 13.17 -2.48
C HIS A 258 51.28 12.93 -2.10
N VAL A 259 50.41 13.92 -2.25
CA VAL A 259 49.00 13.76 -1.85
C VAL A 259 48.14 14.31 -2.99
N GLU A 260 47.08 13.58 -3.33
CA GLU A 260 46.12 13.92 -4.40
C GLU A 260 44.76 13.90 -3.73
N HIS A 261 43.95 14.92 -3.92
CA HIS A 261 42.61 15.02 -3.29
C HIS A 261 41.77 15.96 -4.13
N SER A 262 40.54 15.56 -4.43
CA SER A 262 39.60 16.29 -5.32
C SER A 262 40.37 17.01 -6.43
N GLY A 263 41.28 16.31 -7.11
CA GLY A 263 41.83 16.78 -8.39
C GLY A 263 42.92 17.80 -8.17
N VAL A 264 43.50 17.80 -6.97
CA VAL A 264 44.65 18.67 -6.59
C VAL A 264 45.74 17.75 -6.04
N HIS A 265 46.95 17.92 -6.59
N HIS A 265 46.94 17.87 -6.62
CA HIS A 265 48.19 17.21 -6.21
CA HIS A 265 48.19 17.20 -6.19
C HIS A 265 49.01 18.14 -5.30
C HIS A 265 48.91 18.15 -5.21
N MET A 266 49.66 17.58 -4.29
CA MET A 266 50.44 18.33 -3.29
C MET A 266 51.73 17.53 -3.13
N VAL A 267 52.82 18.22 -2.84
CA VAL A 267 54.15 17.58 -2.66
C VAL A 267 54.89 18.29 -1.51
N LEU A 268 55.36 17.51 -0.53
CA LEU A 268 56.20 17.96 0.61
C LEU A 268 57.56 17.28 0.49
N GLN A 269 58.61 18.06 0.28
CA GLN A 269 60.05 17.66 0.20
C GLN A 269 60.67 17.71 1.61
N VAL A 270 61.75 16.93 1.80
CA VAL A 270 62.45 16.69 3.09
C VAL A 270 63.96 16.72 2.84
N MET B 1 28.48 -19.82 12.65
CA MET B 1 28.49 -18.33 12.58
C MET B 1 29.94 -17.83 12.57
N ILE B 2 30.35 -17.12 11.51
CA ILE B 2 31.63 -16.35 11.46
C ILE B 2 31.40 -15.04 12.24
N GLN B 3 32.29 -14.75 13.18
CA GLN B 3 32.30 -13.50 13.97
C GLN B 3 33.60 -12.79 13.61
N ARG B 4 33.56 -11.46 13.52
N ARG B 4 33.54 -11.46 13.49
CA ARG B 4 34.74 -10.60 13.23
CA ARG B 4 34.72 -10.59 13.25
C ARG B 4 34.97 -9.72 14.46
C ARG B 4 34.94 -9.74 14.50
N THR B 5 36.16 -9.82 15.06
CA THR B 5 36.58 -9.04 16.27
C THR B 5 36.81 -7.60 15.85
N PRO B 6 36.40 -6.60 16.64
CA PRO B 6 36.53 -5.21 16.23
C PRO B 6 37.98 -4.75 16.09
N LYS B 7 38.26 -3.95 15.07
CA LYS B 7 39.49 -3.14 14.93
C LYS B 7 39.20 -1.86 15.70
N ILE B 8 40.14 -1.44 16.56
CA ILE B 8 39.97 -0.34 17.55
C ILE B 8 41.11 0.66 17.32
N GLN B 9 40.80 1.85 16.84
CA GLN B 9 41.82 2.91 16.59
C GLN B 9 41.51 4.16 17.44
N VAL B 10 42.54 4.72 18.05
CA VAL B 10 42.41 5.82 19.06
C VAL B 10 43.28 6.99 18.58
N TYR B 11 42.69 8.18 18.54
CA TYR B 11 43.37 9.38 17.99
C TYR B 11 42.62 10.65 18.39
N SER B 12 43.27 11.77 18.18
CA SER B 12 42.68 13.11 18.39
C SER B 12 42.08 13.63 17.08
N ARG B 13 41.06 14.47 17.18
CA ARG B 13 40.45 15.18 16.05
C ARG B 13 41.47 16.11 15.38
N HIS B 14 42.19 16.91 16.16
CA HIS B 14 43.25 17.80 15.65
C HIS B 14 44.58 17.29 16.16
N PRO B 15 45.71 17.74 15.55
CA PRO B 15 47.03 17.49 16.10
C PRO B 15 47.06 17.89 17.59
N ALA B 16 47.49 16.98 18.45
CA ALA B 16 47.42 17.08 19.92
C ALA B 16 48.32 18.21 20.42
N GLU B 17 47.81 19.10 21.28
CA GLU B 17 48.64 20.19 21.87
C GLU B 17 48.34 20.29 23.37
N ASN B 18 49.28 19.85 24.22
CA ASN B 18 49.12 19.83 25.70
C ASN B 18 48.42 21.14 26.12
N GLY B 19 47.25 21.03 26.73
CA GLY B 19 46.50 22.19 27.26
C GLY B 19 45.67 22.89 26.20
N LYS B 20 45.61 22.37 24.97
CA LYS B 20 44.65 22.88 23.96
C LYS B 20 43.48 21.88 23.86
N SER B 21 42.26 22.43 23.93
CA SER B 21 40.99 21.67 23.92
C SER B 21 40.84 20.91 22.60
N ASN B 22 41.21 19.63 22.60
CA ASN B 22 41.11 18.71 21.43
C ASN B 22 39.84 17.84 21.57
N PHE B 23 39.67 16.86 20.70
CA PHE B 23 38.61 15.83 20.84
C PHE B 23 39.28 14.45 20.77
N LEU B 24 38.89 13.53 21.64
CA LEU B 24 39.48 12.17 21.65
C LEU B 24 38.52 11.18 20.98
N ASN B 25 39.00 10.52 19.93
CA ASN B 25 38.24 9.60 19.04
C ASN B 25 38.69 8.16 19.27
N CYS B 26 37.73 7.26 19.45
CA CYS B 26 37.91 5.80 19.37
C CYS B 26 36.99 5.26 18.29
N TYR B 27 37.56 4.76 17.20
CA TYR B 27 36.84 4.22 16.03
C TYR B 27 36.88 2.69 16.12
N VAL B 28 35.71 2.09 16.28
CA VAL B 28 35.54 0.61 16.33
C VAL B 28 34.88 0.19 15.02
N SER B 29 35.53 -0.68 14.24
CA SER B 29 35.12 -1.09 12.87
C SER B 29 35.36 -2.59 12.61
N GLY B 30 34.73 -3.08 11.54
CA GLY B 30 34.95 -4.42 10.96
C GLY B 30 34.54 -5.51 11.91
N PHE B 31 33.53 -5.29 12.76
CA PHE B 31 33.09 -6.32 13.73
C PHE B 31 31.74 -6.92 13.33
N HIS B 32 31.48 -8.12 13.86
CA HIS B 32 30.19 -8.87 13.75
C HIS B 32 30.15 -9.93 14.84
N PRO B 33 29.06 -10.06 15.64
CA PRO B 33 27.82 -9.30 15.52
C PRO B 33 27.82 -7.84 16.00
N SER B 34 26.63 -7.22 16.05
CA SER B 34 26.43 -5.77 16.31
C SER B 34 26.65 -5.40 17.78
N ASP B 35 26.51 -6.35 18.71
CA ASP B 35 26.49 -6.02 20.16
C ASP B 35 27.93 -5.69 20.55
N ILE B 36 28.13 -4.47 21.06
CA ILE B 36 29.46 -3.89 21.37
C ILE B 36 29.30 -2.89 22.52
N GLU B 37 30.23 -2.89 23.47
CA GLU B 37 30.33 -1.90 24.56
C GLU B 37 31.72 -1.26 24.48
N VAL B 38 31.76 0.07 24.52
CA VAL B 38 32.97 0.91 24.34
C VAL B 38 32.97 1.98 25.44
N ASP B 39 34.06 2.06 26.22
CA ASP B 39 34.33 3.17 27.15
C ASP B 39 35.62 3.86 26.71
N LEU B 40 35.71 5.14 27.06
CA LEU B 40 36.97 5.93 27.01
C LEU B 40 37.44 6.13 28.46
N LEU B 41 38.75 6.00 28.67
CA LEU B 41 39.39 5.97 30.00
C LEU B 41 40.35 7.16 30.11
N LYS B 42 40.25 7.89 31.22
CA LYS B 42 41.24 8.90 31.73
C LYS B 42 41.97 8.27 32.92
N ASN B 43 43.27 7.94 32.76
CA ASN B 43 44.09 7.30 33.83
C ASN B 43 43.35 6.07 34.39
N GLY B 44 42.86 5.20 33.51
CA GLY B 44 42.12 3.98 33.89
C GLY B 44 40.68 4.24 34.29
N GLU B 45 40.20 5.50 34.34
CA GLU B 45 38.84 5.85 34.83
C GLU B 45 37.85 5.97 33.67
N ARG B 46 36.62 5.52 33.85
CA ARG B 46 35.53 5.65 32.83
C ARG B 46 35.12 7.11 32.70
N ILE B 47 35.17 7.69 31.49
CA ILE B 47 34.74 9.09 31.26
C ILE B 47 33.23 9.07 31.04
N GLU B 48 32.50 9.84 31.83
CA GLU B 48 31.01 9.92 31.77
C GLU B 48 30.61 10.79 30.58
N LYS B 49 31.42 11.79 30.24
CA LYS B 49 31.10 12.87 29.25
C LYS B 49 31.41 12.39 27.83
N VAL B 50 30.90 11.22 27.41
CA VAL B 50 31.33 10.48 26.18
C VAL B 50 30.16 10.33 25.19
N GLU B 51 30.19 11.13 24.12
CA GLU B 51 29.29 11.04 22.94
C GLU B 51 29.77 9.89 22.05
N HIS B 52 28.84 9.27 21.32
CA HIS B 52 29.11 8.29 20.24
C HIS B 52 28.14 8.58 19.10
N SER B 53 28.63 8.54 17.86
CA SER B 53 27.81 8.34 16.64
C SER B 53 26.98 7.10 16.92
N ASP B 54 25.77 7.04 16.38
CA ASP B 54 24.95 5.80 16.37
C ASP B 54 25.68 4.79 15.47
N LEU B 55 25.33 3.50 15.63
CA LEU B 55 25.85 2.33 14.86
C LEU B 55 25.79 2.67 13.36
N SER B 56 26.59 1.97 12.55
CA SER B 56 26.69 2.12 11.08
C SER B 56 27.11 0.77 10.50
N PHE B 57 26.88 0.50 9.21
CA PHE B 57 27.08 -0.85 8.60
C PHE B 57 27.87 -0.66 7.32
N SER B 58 28.69 -1.64 6.99
CA SER B 58 29.60 -1.60 5.83
C SER B 58 29.02 -2.40 4.67
N LYS B 59 29.56 -2.17 3.49
CA LYS B 59 29.24 -2.97 2.29
C LYS B 59 29.47 -4.46 2.64
N ASP B 60 30.51 -4.79 3.43
CA ASP B 60 30.87 -6.22 3.69
C ASP B 60 30.12 -6.72 4.93
N TRP B 61 29.09 -5.99 5.32
CA TRP B 61 28.08 -6.35 6.35
C TRP B 61 28.64 -6.17 7.77
N SER B 62 29.95 -5.97 7.96
CA SER B 62 30.57 -5.61 9.27
C SER B 62 30.07 -4.22 9.73
N PHE B 63 30.12 -3.96 11.03
CA PHE B 63 29.66 -2.67 11.63
C PHE B 63 30.84 -1.83 12.08
N TYR B 64 30.57 -0.55 12.23
CA TYR B 64 31.54 0.50 12.65
C TYR B 64 30.79 1.62 13.38
N LEU B 65 31.48 2.29 14.30
CA LEU B 65 31.00 3.57 14.87
C LEU B 65 32.17 4.27 15.58
N LEU B 66 31.89 5.51 15.97
CA LEU B 66 32.87 6.47 16.55
C LEU B 66 32.35 6.91 17.93
N TYR B 67 33.17 6.69 18.96
CA TYR B 67 33.05 7.24 20.34
C TYR B 67 34.04 8.40 20.42
N TYR B 68 33.60 9.51 21.01
CA TYR B 68 34.46 10.70 21.22
C TYR B 68 34.04 11.43 22.49
N THR B 69 35.00 12.17 23.04
CA THR B 69 34.79 13.16 24.12
C THR B 69 35.75 14.34 23.92
N GLU B 70 35.22 15.54 24.14
CA GLU B 70 36.01 16.77 24.40
C GLU B 70 37.00 16.46 25.52
N PHE B 71 38.26 16.84 25.34
CA PHE B 71 39.35 16.54 26.30
C PHE B 71 40.45 17.59 26.13
N THR B 72 41.36 17.68 27.11
CA THR B 72 42.51 18.59 27.06
C THR B 72 43.75 17.82 27.49
N PRO B 73 44.57 17.32 26.52
CA PRO B 73 45.73 16.50 26.85
C PRO B 73 46.74 17.25 27.73
N THR B 74 47.37 16.52 28.66
CA THR B 74 48.50 17.01 29.50
C THR B 74 49.62 15.98 29.49
N GLU B 75 50.82 16.38 29.91
CA GLU B 75 52.01 15.50 30.02
C GLU B 75 51.61 14.25 30.81
N LYS B 76 51.06 14.41 32.01
CA LYS B 76 50.81 13.29 32.95
C LYS B 76 49.62 12.47 32.43
N ASP B 77 48.54 13.12 31.99
CA ASP B 77 47.27 12.43 31.65
C ASP B 77 47.51 11.39 30.55
N GLU B 78 46.74 10.30 30.61
CA GLU B 78 46.86 9.12 29.73
C GLU B 78 45.46 8.64 29.35
N TYR B 79 45.21 8.50 28.06
CA TYR B 79 43.84 8.24 27.53
C TYR B 79 43.84 6.87 26.83
N ALA B 80 42.70 6.18 26.88
CA ALA B 80 42.59 4.85 26.23
C ALA B 80 41.13 4.57 25.82
N CYS B 81 40.93 3.44 25.12
CA CYS B 81 39.62 2.94 24.67
C CYS B 81 39.44 1.50 25.14
N ARG B 82 38.37 1.23 25.88
CA ARG B 82 38.04 -0.12 26.40
C ARG B 82 36.83 -0.66 25.63
N VAL B 83 37.02 -1.72 24.84
CA VAL B 83 35.94 -2.35 24.04
C VAL B 83 35.69 -3.76 24.56
N ASN B 84 34.43 -4.08 24.85
CA ASN B 84 33.97 -5.48 24.98
C ASN B 84 33.11 -5.85 23.77
N HIS B 85 33.18 -7.11 23.39
CA HIS B 85 32.50 -7.74 22.22
C HIS B 85 32.58 -9.25 22.45
N VAL B 86 31.80 -10.02 21.71
CA VAL B 86 31.64 -11.48 21.98
C VAL B 86 32.90 -12.23 21.52
N THR B 87 33.70 -11.69 20.61
CA THR B 87 34.98 -12.30 20.16
C THR B 87 36.12 -12.09 21.19
N LEU B 88 35.86 -11.53 22.36
CA LEU B 88 36.89 -11.09 23.35
C LEU B 88 36.58 -11.70 24.72
N SER B 89 37.43 -12.64 25.19
CA SER B 89 37.45 -13.19 26.59
C SER B 89 37.44 -12.06 27.62
N GLN B 90 38.17 -10.97 27.37
CA GLN B 90 38.31 -9.83 28.30
C GLN B 90 38.28 -8.57 27.47
N PRO B 91 37.77 -7.45 28.03
CA PRO B 91 37.69 -6.22 27.25
C PRO B 91 39.11 -5.98 26.71
N LYS B 92 39.19 -5.53 25.46
CA LYS B 92 40.44 -5.06 24.83
C LYS B 92 40.61 -3.57 25.13
N ILE B 93 41.82 -3.16 25.52
CA ILE B 93 42.21 -1.73 25.73
C ILE B 93 43.27 -1.36 24.70
N VAL B 94 43.06 -0.21 24.06
CA VAL B 94 44.05 0.47 23.20
C VAL B 94 44.25 1.85 23.78
N LYS B 95 45.50 2.18 24.10
CA LYS B 95 45.85 3.50 24.68
C LYS B 95 46.09 4.45 23.50
N TRP B 96 45.75 5.72 23.69
CA TRP B 96 46.17 6.84 22.81
C TRP B 96 47.69 7.03 22.92
N ASP B 97 48.41 7.35 21.84
CA ASP B 97 49.74 8.03 21.97
C ASP B 97 49.74 9.36 21.19
N ARG B 98 50.37 10.37 21.77
CA ARG B 98 50.29 11.77 21.30
C ARG B 98 51.13 11.88 20.01
N ASP B 99 52.45 11.72 20.12
CA ASP B 99 53.43 11.87 18.99
C ASP B 99 53.47 13.35 18.55
N GLY C 3 2.03 13.08 -6.31
CA GLY C 3 0.82 12.40 -6.76
C GLY C 3 -0.41 13.22 -6.42
N GLN C 4 -1.13 13.70 -7.43
CA GLN C 4 -2.27 14.61 -7.16
C GLN C 4 -3.54 14.23 -7.93
N ASN C 5 -3.47 14.15 -9.26
CA ASN C 5 -4.70 13.99 -10.07
C ASN C 5 -4.72 12.69 -10.88
N ILE C 6 -5.95 12.27 -11.13
CA ILE C 6 -6.27 11.02 -11.86
C ILE C 6 -7.65 11.19 -12.49
N ASP C 7 -7.76 10.93 -13.79
CA ASP C 7 -9.02 11.05 -14.58
C ASP C 7 -9.27 9.73 -15.30
N GLN C 8 -10.53 9.35 -15.30
CA GLN C 8 -11.04 8.25 -16.14
C GLN C 8 -12.49 8.61 -16.40
N PRO C 9 -13.07 8.18 -17.55
CA PRO C 9 -14.42 8.59 -17.91
C PRO C 9 -15.43 7.95 -16.94
N THR C 10 -16.56 8.65 -16.73
CA THR C 10 -17.65 8.29 -15.80
C THR C 10 -18.26 6.96 -16.26
N GLU C 11 -18.57 6.86 -17.56
CA GLU C 11 -19.38 5.75 -18.13
C GLU C 11 -18.91 5.41 -19.55
N MET C 12 -18.96 4.15 -19.90
CA MET C 12 -18.72 3.68 -21.29
C MET C 12 -19.75 2.61 -21.60
N THR C 13 -20.21 2.54 -22.85
CA THR C 13 -21.16 1.53 -23.34
C THR C 13 -20.59 0.88 -24.59
N ALA C 14 -20.46 -0.44 -24.58
CA ALA C 14 -20.03 -1.22 -25.75
C ALA C 14 -20.95 -2.45 -25.92
N THR C 15 -20.81 -3.15 -27.05
CA THR C 15 -21.71 -4.26 -27.46
C THR C 15 -21.07 -5.59 -27.08
N GLU C 16 -21.90 -6.48 -26.53
CA GLU C 16 -21.53 -7.89 -26.29
C GLU C 16 -20.76 -8.38 -27.51
N GLY C 17 -19.64 -9.08 -27.30
CA GLY C 17 -18.83 -9.65 -28.39
C GLY C 17 -17.69 -8.71 -28.82
N ALA C 18 -17.82 -7.41 -28.59
CA ALA C 18 -16.88 -6.41 -29.16
C ALA C 18 -15.71 -6.12 -28.17
N ILE C 19 -15.06 -4.97 -28.33
CA ILE C 19 -13.82 -4.60 -27.60
C ILE C 19 -14.10 -3.23 -26.94
N VAL C 20 -13.50 -2.98 -25.78
CA VAL C 20 -13.63 -1.67 -25.06
C VAL C 20 -12.30 -1.36 -24.38
N GLN C 21 -11.92 -0.09 -24.47
CA GLN C 21 -10.65 0.49 -23.94
C GLN C 21 -10.99 1.59 -22.92
N ILE C 22 -10.77 1.33 -21.63
CA ILE C 22 -11.02 2.31 -20.55
C ILE C 22 -9.70 3.02 -20.26
N ASN C 23 -9.66 4.32 -20.53
CA ASN C 23 -8.45 5.17 -20.36
C ASN C 23 -8.42 5.74 -18.94
N CYS C 24 -7.20 5.97 -18.45
CA CYS C 24 -6.88 6.58 -17.14
C CYS C 24 -5.65 7.44 -17.33
N THR C 25 -5.78 8.75 -17.10
CA THR C 25 -4.64 9.71 -17.08
C THR C 25 -4.34 10.08 -15.62
N TYR C 26 -3.05 10.21 -15.31
CA TYR C 26 -2.62 10.55 -13.94
C TYR C 26 -1.50 11.57 -14.00
N GLN C 27 -1.38 12.40 -12.96
CA GLN C 27 -0.27 13.37 -12.86
C GLN C 27 0.34 13.25 -11.47
N THR C 28 1.66 13.13 -11.41
CA THR C 28 2.33 12.93 -10.11
C THR C 28 3.83 13.06 -10.28
N SER C 29 4.51 13.57 -9.25
CA SER C 29 5.99 13.54 -9.25
C SER C 29 6.33 12.41 -8.28
N GLY C 30 6.50 11.18 -8.79
CA GLY C 30 6.70 10.02 -7.89
C GLY C 30 5.70 8.94 -8.19
N PHE C 31 6.17 7.73 -8.48
CA PHE C 31 5.24 6.67 -8.93
C PHE C 31 5.77 5.28 -8.58
N ASN C 32 4.96 4.49 -7.87
CA ASN C 32 5.33 3.08 -7.56
C ASN C 32 4.33 2.11 -8.20
N GLY C 33 3.69 2.52 -9.32
CA GLY C 33 2.83 1.65 -10.16
C GLY C 33 1.39 2.12 -10.29
N LEU C 34 0.70 1.63 -11.33
CA LEU C 34 -0.73 1.90 -11.61
C LEU C 34 -1.50 0.58 -11.64
N PHE C 35 -2.61 0.55 -10.92
CA PHE C 35 -3.49 -0.62 -10.71
C PHE C 35 -4.82 -0.37 -11.42
N TRP C 36 -5.41 -1.44 -11.95
CA TRP C 36 -6.84 -1.49 -12.33
C TRP C 36 -7.55 -2.46 -11.41
N TYR C 37 -8.70 -2.06 -10.88
CA TYR C 37 -9.58 -3.02 -10.17
C TYR C 37 -10.96 -3.07 -10.86
N GLN C 38 -11.61 -4.21 -10.73
CA GLN C 38 -13.00 -4.42 -11.19
C GLN C 38 -13.95 -4.42 -10.00
N GLN C 39 -15.01 -3.64 -10.05
CA GLN C 39 -16.08 -3.68 -9.03
C GLN C 39 -17.47 -3.85 -9.70
N HIS C 40 -18.03 -5.03 -9.50
CA HIS C 40 -19.44 -5.40 -9.78
C HIS C 40 -20.34 -4.66 -8.80
N ALA C 41 -21.53 -4.26 -9.25
CA ALA C 41 -22.61 -3.63 -8.46
C ALA C 41 -22.89 -4.49 -7.24
N GLY C 42 -22.97 -3.88 -6.06
CA GLY C 42 -23.19 -4.56 -4.78
C GLY C 42 -22.04 -5.46 -4.35
N GLU C 43 -20.88 -5.41 -5.02
CA GLU C 43 -19.73 -6.32 -4.76
C GLU C 43 -18.48 -5.51 -4.37
N ALA C 44 -17.40 -6.21 -3.99
CA ALA C 44 -16.10 -5.68 -3.60
C ALA C 44 -15.24 -5.51 -4.85
N PRO C 45 -14.35 -4.50 -4.92
CA PRO C 45 -13.38 -4.45 -6.02
C PRO C 45 -12.43 -5.64 -5.91
N THR C 46 -11.98 -6.18 -7.03
CA THR C 46 -10.87 -7.17 -7.03
C THR C 46 -9.81 -6.74 -8.05
N PHE C 47 -8.57 -7.08 -7.75
CA PHE C 47 -7.36 -6.72 -8.52
C PHE C 47 -7.46 -7.29 -9.95
N LEU C 48 -7.16 -6.50 -10.96
CA LEU C 48 -7.00 -6.94 -12.38
C LEU C 48 -5.53 -6.87 -12.83
N SER C 49 -4.85 -5.78 -12.51
CA SER C 49 -3.56 -5.46 -13.20
C SER C 49 -2.70 -4.52 -12.35
N TYR C 50 -1.39 -4.71 -12.47
CA TYR C 50 -0.34 -3.78 -12.00
C TYR C 50 0.64 -3.57 -13.13
N ASN C 51 0.87 -2.30 -13.50
CA ASN C 51 1.87 -1.86 -14.51
C ASN C 51 2.76 -0.82 -13.83
N VAL C 52 4.07 -0.90 -14.00
CA VAL C 52 4.98 0.12 -13.39
C VAL C 52 5.99 0.57 -14.45
N LEU C 53 6.48 -0.33 -15.29
CA LEU C 53 7.32 0.06 -16.45
C LEU C 53 6.38 0.32 -17.64
N ASP C 54 6.83 1.12 -18.61
CA ASP C 54 6.29 1.16 -19.99
C ASP C 54 6.03 -0.26 -20.48
N GLY C 55 4.86 -0.51 -21.06
CA GLY C 55 4.56 -1.74 -21.82
C GLY C 55 3.15 -2.24 -21.61
N LEU C 56 2.90 -3.46 -22.08
CA LEU C 56 1.56 -4.05 -22.19
C LEU C 56 1.56 -5.39 -21.44
N GLU C 57 0.53 -5.66 -20.66
CA GLU C 57 0.35 -6.97 -20.00
C GLU C 57 -1.03 -7.48 -20.40
N GLU C 58 -1.13 -8.77 -20.74
CA GLU C 58 -2.40 -9.48 -21.09
C GLU C 58 -2.62 -10.64 -20.14
N LYS C 59 -3.88 -11.02 -19.99
CA LYS C 59 -4.33 -12.10 -19.07
C LYS C 59 -5.76 -12.40 -19.48
N GLY C 60 -5.95 -13.54 -20.15
CA GLY C 60 -7.19 -13.92 -20.86
C GLY C 60 -7.62 -12.84 -21.83
N ARG C 61 -8.82 -12.30 -21.64
CA ARG C 61 -9.43 -11.26 -22.51
C ARG C 61 -9.05 -9.83 -22.07
N PHE C 62 -8.31 -9.66 -20.98
CA PHE C 62 -8.02 -8.31 -20.41
C PHE C 62 -6.54 -8.00 -20.68
N SER C 63 -6.28 -6.74 -21.02
CA SER C 63 -4.94 -6.18 -21.29
C SER C 63 -4.81 -4.84 -20.57
N SER C 64 -3.63 -4.55 -20.00
CA SER C 64 -3.33 -3.26 -19.33
C SER C 64 -2.06 -2.69 -19.95
N PHE C 65 -2.13 -1.44 -20.40
CA PHE C 65 -1.03 -0.67 -21.00
C PHE C 65 -0.67 0.53 -20.11
N LEU C 66 0.61 0.90 -20.07
CA LEU C 66 1.13 2.10 -19.35
C LEU C 66 2.14 2.84 -20.22
N SER C 67 1.90 4.13 -20.42
CA SER C 67 2.90 5.12 -20.89
C SER C 67 3.34 6.04 -19.73
N ARG C 68 4.54 5.84 -19.24
CA ARG C 68 5.14 6.68 -18.17
C ARG C 68 5.22 8.15 -18.64
N SER C 69 5.78 8.44 -19.81
CA SER C 69 6.02 9.85 -20.25
C SER C 69 4.69 10.57 -20.47
N LYS C 70 3.63 9.88 -20.86
CA LYS C 70 2.32 10.53 -21.13
C LYS C 70 1.42 10.49 -19.88
N GLY C 71 1.82 9.79 -18.82
CA GLY C 71 0.96 9.65 -17.63
C GLY C 71 -0.38 9.11 -18.05
N TYR C 72 -0.40 7.86 -18.54
CA TYR C 72 -1.52 7.28 -19.33
C TYR C 72 -1.53 5.75 -19.19
N SER C 73 -2.63 5.15 -18.69
CA SER C 73 -2.88 3.68 -18.78
C SER C 73 -4.19 3.40 -19.52
N TYR C 74 -4.32 2.23 -20.13
CA TYR C 74 -5.67 1.72 -20.49
C TYR C 74 -5.82 0.28 -20.04
N LEU C 75 -7.06 -0.04 -19.71
CA LEU C 75 -7.53 -1.44 -19.59
C LEU C 75 -8.37 -1.76 -20.84
N LEU C 76 -7.98 -2.82 -21.54
CA LEU C 76 -8.60 -3.31 -22.80
C LEU C 76 -9.34 -4.62 -22.53
N LEU C 77 -10.65 -4.65 -22.77
CA LEU C 77 -11.50 -5.86 -22.54
C LEU C 77 -11.97 -6.41 -23.90
N LYS C 78 -11.61 -7.65 -24.25
CA LYS C 78 -11.91 -8.25 -25.58
C LYS C 78 -13.12 -9.20 -25.46
N GLU C 79 -13.85 -9.40 -26.56
CA GLU C 79 -14.97 -10.39 -26.58
C GLU C 79 -15.80 -10.18 -25.30
N LEU C 80 -16.30 -8.97 -25.17
CA LEU C 80 -17.12 -8.51 -24.04
C LEU C 80 -18.23 -9.54 -23.80
N GLN C 81 -18.34 -9.94 -22.55
CA GLN C 81 -19.48 -10.70 -22.02
C GLN C 81 -20.34 -9.75 -21.19
N MET C 82 -21.58 -10.13 -20.93
CA MET C 82 -22.52 -9.34 -20.11
C MET C 82 -21.98 -9.17 -18.68
N LYS C 83 -21.28 -10.18 -18.17
CA LYS C 83 -20.68 -10.20 -16.81
C LYS C 83 -19.51 -9.20 -16.68
N ASP C 84 -19.08 -8.55 -17.76
CA ASP C 84 -18.05 -7.49 -17.74
C ASP C 84 -18.69 -6.15 -17.38
N SER C 85 -20.03 -6.08 -17.26
CA SER C 85 -20.76 -4.88 -16.74
C SER C 85 -20.38 -4.74 -15.27
N ALA C 86 -19.74 -3.62 -14.94
CA ALA C 86 -19.00 -3.38 -13.68
C ALA C 86 -18.42 -1.97 -13.74
N SER C 87 -18.02 -1.38 -12.59
CA SER C 87 -17.15 -0.18 -12.55
C SER C 87 -15.70 -0.67 -12.58
N TYR C 88 -14.84 0.02 -13.31
CA TYR C 88 -13.39 -0.25 -13.40
C TYR C 88 -12.64 0.90 -12.73
N LEU C 89 -11.87 0.58 -11.69
CA LEU C 89 -11.18 1.60 -10.84
C LEU C 89 -9.70 1.61 -11.18
N CYS C 90 -9.22 2.75 -11.65
CA CYS C 90 -7.78 2.99 -11.86
CA CYS C 90 -7.75 2.93 -11.83
C CYS C 90 -7.18 3.66 -10.60
N ALA C 91 -6.05 3.17 -10.09
CA ALA C 91 -5.36 3.72 -8.91
C ALA C 91 -3.85 3.72 -9.14
N PHE C 92 -3.16 4.68 -8.52
CA PHE C 92 -1.67 4.72 -8.59
C PHE C 92 -1.04 5.04 -7.22
N LEU C 93 0.14 4.48 -6.97
CA LEU C 93 0.98 4.72 -5.77
C LEU C 93 1.96 5.84 -6.08
N ASP C 94 2.04 6.80 -5.16
CA ASP C 94 3.02 7.93 -5.27
C ASP C 94 4.34 7.50 -4.64
N SER C 95 5.25 8.46 -4.44
CA SER C 95 6.60 8.12 -3.91
C SER C 95 6.55 7.62 -2.46
N ASN C 96 5.49 8.00 -1.74
CA ASN C 96 5.27 7.60 -0.33
C ASN C 96 4.27 6.44 -0.23
N TYR C 97 3.93 5.79 -1.35
CA TYR C 97 3.04 4.61 -1.40
C TYR C 97 1.61 5.04 -0.99
N GLN C 98 1.25 6.33 -1.10
CA GLN C 98 -0.16 6.75 -0.97
C GLN C 98 -0.89 6.14 -2.17
N LEU C 99 -2.01 5.41 -1.95
CA LEU C 99 -2.85 4.81 -3.02
C LEU C 99 -3.92 5.85 -3.45
N ILE C 100 -3.75 6.43 -4.64
CA ILE C 100 -4.63 7.50 -5.23
C ILE C 100 -5.65 6.84 -6.19
N TRP C 101 -6.94 6.93 -5.86
CA TRP C 101 -8.08 6.25 -6.54
C TRP C 101 -8.79 7.19 -7.52
N GLY C 102 -9.01 6.73 -8.75
CA GLY C 102 -9.85 7.50 -9.67
C GLY C 102 -11.30 7.30 -9.26
N ALA C 103 -12.22 8.06 -9.84
CA ALA C 103 -13.65 7.97 -9.44
C ALA C 103 -14.31 6.70 -9.99
N GLY C 104 -13.67 6.04 -10.95
CA GLY C 104 -14.21 4.78 -11.50
C GLY C 104 -14.93 5.03 -12.81
N THR C 105 -14.92 4.04 -13.69
CA THR C 105 -15.63 4.07 -15.00
C THR C 105 -16.65 2.95 -14.96
N LYS C 106 -17.93 3.30 -15.06
CA LYS C 106 -19.03 2.32 -15.18
C LYS C 106 -19.12 1.82 -16.63
N LEU C 107 -18.93 0.52 -16.86
CA LEU C 107 -19.03 -0.13 -18.19
C LEU C 107 -20.38 -0.84 -18.32
N ILE C 108 -21.17 -0.43 -19.31
CA ILE C 108 -22.49 -1.03 -19.68
C ILE C 108 -22.29 -1.87 -20.96
N ILE C 109 -22.51 -3.18 -20.87
CA ILE C 109 -22.50 -4.13 -22.02
C ILE C 109 -23.91 -4.22 -22.64
N LYS C 110 -24.05 -3.78 -23.89
CA LYS C 110 -25.32 -3.76 -24.67
C LYS C 110 -25.50 -5.14 -25.30
N PRO C 111 -26.62 -5.83 -24.98
CA PRO C 111 -26.90 -7.14 -25.57
C PRO C 111 -27.20 -6.94 -27.05
N ASP C 112 -26.72 -7.85 -27.89
CA ASP C 112 -26.91 -7.78 -29.35
C ASP C 112 -28.29 -8.35 -29.70
N ILE C 113 -29.31 -7.49 -29.67
CA ILE C 113 -30.74 -7.84 -29.91
C ILE C 113 -30.96 -7.86 -31.42
N GLN C 114 -30.63 -8.99 -32.04
CA GLN C 114 -30.93 -9.32 -33.47
C GLN C 114 -32.42 -9.05 -33.78
N ASN C 115 -33.37 -9.57 -33.00
CA ASN C 115 -34.82 -9.56 -33.34
C ASN C 115 -35.63 -8.66 -32.41
N PRO C 116 -35.54 -7.33 -32.54
CA PRO C 116 -36.36 -6.42 -31.73
C PRO C 116 -37.85 -6.77 -31.85
N ASP C 117 -38.59 -6.69 -30.75
CA ASP C 117 -40.07 -6.74 -30.78
C ASP C 117 -40.62 -5.79 -29.71
N PRO C 118 -40.31 -4.48 -29.79
CA PRO C 118 -40.69 -3.53 -28.74
C PRO C 118 -42.18 -3.47 -28.46
N ALA C 119 -42.56 -3.49 -27.20
CA ALA C 119 -43.97 -3.63 -26.79
C ALA C 119 -44.11 -3.29 -25.30
N VAL C 120 -45.24 -2.66 -24.97
CA VAL C 120 -45.57 -2.33 -23.56
C VAL C 120 -46.75 -3.22 -23.13
N TYR C 121 -46.57 -4.01 -22.08
CA TYR C 121 -47.59 -4.95 -21.53
C TYR C 121 -48.05 -4.43 -20.18
N GLN C 122 -49.24 -4.83 -19.76
CA GLN C 122 -49.75 -4.52 -18.41
C GLN C 122 -49.92 -5.83 -17.65
N LEU C 123 -49.36 -5.96 -16.45
CA LEU C 123 -49.48 -7.17 -15.61
C LEU C 123 -50.42 -6.85 -14.44
N ARG C 124 -51.31 -7.77 -14.10
CA ARG C 124 -52.21 -7.64 -12.92
C ARG C 124 -51.49 -8.16 -11.69
N ASP C 125 -51.75 -7.52 -10.54
CA ASP C 125 -51.27 -8.03 -9.23
C ASP C 125 -51.90 -9.42 -9.03
N SER C 126 -51.25 -10.29 -8.24
CA SER C 126 -51.65 -11.70 -8.05
C SER C 126 -52.49 -11.92 -6.76
N LYS C 127 -53.18 -10.89 -6.22
CA LYS C 127 -54.20 -11.03 -5.12
C LYS C 127 -55.32 -9.98 -5.27
N SER C 128 -54.93 -8.72 -5.43
CA SER C 128 -55.82 -7.58 -5.80
C SER C 128 -55.69 -7.32 -7.31
N SER C 129 -56.79 -6.99 -7.97
CA SER C 129 -56.84 -6.68 -9.43
C SER C 129 -56.30 -5.25 -9.66
N ASP C 130 -56.80 -4.33 -8.82
CA ASP C 130 -56.54 -2.87 -8.83
C ASP C 130 -55.09 -2.60 -9.22
N LYS C 131 -54.16 -3.08 -8.38
CA LYS C 131 -52.69 -2.81 -8.45
C LYS C 131 -52.16 -3.37 -9.78
N SER C 132 -51.42 -2.55 -10.51
CA SER C 132 -50.95 -2.86 -11.88
C SER C 132 -49.61 -2.17 -12.15
N VAL C 133 -48.66 -2.98 -12.60
CA VAL C 133 -47.37 -2.50 -13.15
C VAL C 133 -47.45 -2.58 -14.68
N CYS C 134 -46.64 -1.79 -15.37
CA CYS C 134 -46.45 -1.82 -16.83
C CYS C 134 -45.05 -2.34 -17.12
N LEU C 135 -44.93 -3.19 -18.13
CA LEU C 135 -43.63 -3.72 -18.62
C LEU C 135 -43.41 -3.27 -20.07
N PHE C 136 -42.30 -2.57 -20.31
CA PHE C 136 -41.78 -2.23 -21.64
C PHE C 136 -40.61 -3.19 -21.89
N THR C 137 -40.80 -4.22 -22.74
CA THR C 137 -39.81 -5.31 -22.97
C THR C 137 -39.50 -5.48 -24.46
N ASP C 138 -38.37 -6.14 -24.73
CA ASP C 138 -37.98 -6.73 -26.05
C ASP C 138 -37.52 -5.64 -27.01
N PHE C 139 -37.20 -4.45 -26.50
CA PHE C 139 -36.73 -3.31 -27.33
C PHE C 139 -35.22 -3.45 -27.65
N ASP C 140 -34.86 -2.75 -28.71
CA ASP C 140 -33.49 -2.49 -29.22
C ASP C 140 -32.60 -2.01 -28.08
N SER C 141 -31.30 -2.27 -28.17
CA SER C 141 -30.33 -1.86 -27.13
C SER C 141 -29.95 -0.38 -27.29
N GLN C 142 -30.31 0.27 -28.40
CA GLN C 142 -30.09 1.72 -28.64
C GLN C 142 -31.21 2.53 -27.96
N THR C 143 -32.33 1.87 -27.66
CA THR C 143 -33.57 2.52 -27.17
C THR C 143 -33.28 3.13 -25.81
N ASN C 144 -33.83 4.32 -25.56
CA ASN C 144 -33.57 5.06 -24.29
C ASN C 144 -34.86 5.19 -23.50
N VAL C 145 -34.80 4.77 -22.23
CA VAL C 145 -35.93 4.88 -21.27
C VAL C 145 -35.74 6.20 -20.52
N SER C 146 -36.49 7.24 -20.92
CA SER C 146 -36.55 8.56 -20.23
C SER C 146 -37.20 8.39 -18.85
N GLN C 147 -36.85 9.24 -17.89
CA GLN C 147 -37.36 9.20 -16.49
C GLN C 147 -38.74 9.86 -16.41
N SER C 148 -39.47 9.61 -15.32
CA SER C 148 -40.83 10.14 -15.05
C SER C 148 -40.82 11.66 -15.19
N LYS C 149 -41.94 12.25 -15.62
CA LYS C 149 -42.22 13.71 -15.46
C LYS C 149 -43.36 13.91 -14.47
N ASP C 150 -44.08 12.84 -14.11
CA ASP C 150 -45.08 12.79 -13.01
C ASP C 150 -44.39 12.05 -11.85
N SER C 151 -44.35 12.65 -10.66
CA SER C 151 -43.62 12.15 -9.46
C SER C 151 -44.49 11.13 -8.71
N ASP C 152 -45.76 10.95 -9.14
CA ASP C 152 -46.68 9.85 -8.73
C ASP C 152 -46.53 8.66 -9.68
N VAL C 153 -45.60 8.74 -10.64
CA VAL C 153 -45.30 7.64 -11.60
C VAL C 153 -43.82 7.33 -11.46
N TYR C 154 -43.51 6.06 -11.24
CA TYR C 154 -42.12 5.58 -11.05
C TYR C 154 -41.77 4.83 -12.32
N ILE C 155 -40.52 4.91 -12.77
CA ILE C 155 -40.00 4.21 -13.99
C ILE C 155 -38.60 3.72 -13.67
N THR C 156 -38.34 2.42 -13.88
CA THR C 156 -37.00 1.85 -13.60
C THR C 156 -36.06 2.12 -14.78
N ASP C 157 -34.77 1.97 -14.54
CA ASP C 157 -33.77 1.82 -15.63
C ASP C 157 -34.06 0.52 -16.39
N LYS C 158 -33.72 0.55 -17.67
CA LYS C 158 -33.46 -0.60 -18.57
C LYS C 158 -32.70 -1.67 -17.76
N CYS C 159 -33.05 -2.93 -17.97
CA CYS C 159 -32.52 -4.13 -17.30
C CYS C 159 -32.37 -5.25 -18.35
N VAL C 160 -31.21 -5.90 -18.42
CA VAL C 160 -30.98 -7.06 -19.33
C VAL C 160 -31.25 -8.34 -18.57
N LEU C 161 -32.20 -9.18 -18.99
CA LEU C 161 -32.25 -10.59 -18.50
C LEU C 161 -31.76 -11.54 -19.60
N ASP C 162 -31.25 -12.70 -19.17
CA ASP C 162 -30.59 -13.75 -19.98
C ASP C 162 -31.30 -15.07 -19.63
N MET C 163 -32.15 -15.56 -20.55
CA MET C 163 -32.83 -16.86 -20.43
C MET C 163 -31.86 -17.90 -21.03
N ARG C 164 -30.89 -18.31 -20.22
CA ARG C 164 -29.66 -19.05 -20.62
C ARG C 164 -29.99 -20.30 -21.42
N SER C 165 -30.84 -21.18 -20.88
CA SER C 165 -31.11 -22.51 -21.51
C SER C 165 -31.71 -22.27 -22.90
N MET C 166 -32.03 -21.03 -23.27
CA MET C 166 -32.66 -20.65 -24.57
C MET C 166 -31.76 -19.74 -25.44
N ASP C 167 -30.48 -19.51 -25.12
CA ASP C 167 -29.62 -18.45 -25.73
C ASP C 167 -30.47 -17.24 -26.12
N PHE C 168 -31.24 -16.68 -25.19
CA PHE C 168 -32.10 -15.50 -25.44
C PHE C 168 -31.90 -14.44 -24.34
N LYS C 169 -31.61 -13.22 -24.73
CA LYS C 169 -31.52 -12.03 -23.84
C LYS C 169 -32.59 -11.02 -24.28
N SER C 170 -33.11 -10.25 -23.32
CA SER C 170 -34.15 -9.21 -23.54
C SER C 170 -33.93 -8.04 -22.58
N ASN C 171 -34.14 -6.83 -23.08
CA ASN C 171 -34.25 -5.56 -22.31
C ASN C 171 -35.67 -5.39 -21.79
N SER C 172 -35.81 -4.68 -20.67
CA SER C 172 -37.02 -4.62 -19.81
C SER C 172 -36.94 -3.29 -19.07
N ALA C 173 -38.07 -2.59 -18.97
CA ALA C 173 -38.22 -1.50 -17.99
C ALA C 173 -39.62 -1.58 -17.40
N VAL C 174 -39.73 -1.19 -16.14
CA VAL C 174 -40.97 -1.36 -15.35
C VAL C 174 -41.41 0.04 -14.98
N ALA C 175 -42.71 0.27 -14.96
CA ALA C 175 -43.31 1.53 -14.47
C ALA C 175 -44.51 1.16 -13.61
N TRP C 176 -44.92 2.06 -12.70
CA TRP C 176 -46.14 1.89 -11.87
C TRP C 176 -46.55 3.24 -11.30
N SER C 177 -47.78 3.31 -10.78
CA SER C 177 -48.43 4.51 -10.22
C SER C 177 -49.64 4.08 -9.40
N ASN C 178 -50.11 4.91 -8.46
CA ASN C 178 -51.40 4.69 -7.76
C ASN C 178 -52.52 5.43 -8.50
N LYS C 179 -52.16 6.38 -9.37
CA LYS C 179 -53.17 7.19 -10.10
C LYS C 179 -54.07 6.28 -10.95
N SER C 180 -55.40 6.46 -10.86
CA SER C 180 -56.32 5.67 -11.70
C SER C 180 -56.18 6.13 -13.14
N ASP C 181 -55.88 7.42 -13.33
CA ASP C 181 -55.66 7.95 -14.69
C ASP C 181 -54.38 7.38 -15.28
N PHE C 182 -53.96 6.19 -14.84
CA PHE C 182 -52.67 5.63 -15.31
C PHE C 182 -52.91 4.56 -16.37
N ALA C 183 -52.31 4.75 -17.55
CA ALA C 183 -52.42 3.73 -18.60
C ALA C 183 -51.02 3.29 -19.00
N CYS C 184 -50.86 1.99 -19.25
CA CYS C 184 -49.52 1.47 -19.60
C CYS C 184 -49.16 2.03 -20.97
N ALA C 185 -50.18 2.27 -21.80
CA ALA C 185 -49.92 2.94 -23.08
C ALA C 185 -49.35 4.32 -22.77
N ASN C 186 -48.59 4.89 -23.70
CA ASN C 186 -48.02 6.23 -23.49
C ASN C 186 -47.55 6.34 -22.03
N ALA C 187 -46.72 5.40 -21.59
CA ALA C 187 -46.17 5.49 -20.22
C ALA C 187 -44.64 5.44 -20.30
N PHE C 188 -44.09 5.23 -21.50
CA PHE C 188 -42.59 5.27 -21.62
C PHE C 188 -42.10 6.34 -22.64
N ASN C 189 -42.96 7.24 -23.12
CA ASN C 189 -42.58 8.28 -24.13
C ASN C 189 -42.66 9.68 -23.50
N ALA D 2 -10.36 -18.59 2.67
CA ALA D 2 -9.42 -17.45 2.77
C ALA D 2 -10.15 -16.16 2.38
N GLY D 3 -9.38 -15.09 2.17
CA GLY D 3 -9.85 -13.72 1.89
C GLY D 3 -9.99 -12.89 3.16
N VAL D 4 -10.76 -11.82 3.03
CA VAL D 4 -11.08 -10.80 4.05
C VAL D 4 -12.56 -10.99 4.42
N THR D 5 -12.86 -11.19 5.70
CA THR D 5 -14.23 -11.30 6.23
C THR D 5 -14.59 -10.01 6.98
N GLN D 6 -15.53 -9.26 6.44
CA GLN D 6 -16.08 -7.99 6.96
C GLN D 6 -17.52 -8.20 7.45
N THR D 7 -17.90 -7.76 8.65
CA THR D 7 -19.27 -7.89 9.18
C THR D 7 -19.68 -6.58 9.85
N PRO D 8 -20.97 -6.23 9.88
CA PRO D 8 -22.02 -6.95 9.18
C PRO D 8 -22.11 -6.42 7.74
N LYS D 9 -22.96 -7.03 6.89
CA LYS D 9 -23.13 -6.59 5.48
C LYS D 9 -24.04 -5.35 5.46
N PHE D 10 -24.99 -5.28 6.38
CA PHE D 10 -25.91 -4.11 6.47
C PHE D 10 -26.08 -3.70 7.92
N GLN D 11 -26.40 -2.42 8.12
CA GLN D 11 -26.54 -1.86 9.48
C GLN D 11 -27.32 -0.54 9.40
N VAL D 12 -28.39 -0.44 10.19
CA VAL D 12 -29.06 0.87 10.42
C VAL D 12 -28.67 1.38 11.83
N LEU D 13 -28.52 2.69 12.03
CA LEU D 13 -28.17 3.27 13.35
C LEU D 13 -28.99 4.53 13.55
N LYS D 14 -29.36 4.78 14.80
CA LYS D 14 -29.91 6.08 15.26
C LYS D 14 -28.72 7.04 15.38
N THR D 15 -28.91 8.33 15.14
CA THR D 15 -27.88 9.38 15.41
C THR D 15 -27.39 9.23 16.86
N GLY D 16 -26.06 9.26 17.06
CA GLY D 16 -25.45 9.18 18.40
C GLY D 16 -25.14 7.77 18.84
N GLN D 17 -25.69 6.75 18.19
CA GLN D 17 -25.38 5.34 18.55
C GLN D 17 -23.96 5.01 18.13
N SER D 18 -23.43 3.99 18.79
CA SER D 18 -22.05 3.53 18.62
C SER D 18 -22.09 2.22 17.83
N MET D 19 -21.07 1.98 17.03
CA MET D 19 -21.01 0.85 16.09
C MET D 19 -19.55 0.44 15.89
N THR D 20 -19.30 -0.87 15.90
CA THR D 20 -17.98 -1.44 15.51
C THR D 20 -18.17 -2.42 14.35
N LEU D 21 -17.52 -2.18 13.22
CA LEU D 21 -17.48 -3.08 12.04
C LEU D 21 -16.29 -4.02 12.20
N GLN D 22 -16.45 -5.33 12.01
CA GLN D 22 -15.32 -6.29 12.14
C GLN D 22 -14.69 -6.51 10.76
N CYS D 23 -13.42 -6.81 10.77
CA CYS D 23 -12.69 -7.19 9.54
C CYS D 23 -11.52 -8.08 9.91
N ALA D 24 -11.47 -9.29 9.34
CA ALA D 24 -10.46 -10.32 9.66
C ALA D 24 -9.84 -10.83 8.36
N GLN D 25 -8.55 -11.09 8.33
CA GLN D 25 -7.93 -11.80 7.20
C GLN D 25 -6.93 -12.82 7.73
N ASP D 26 -6.97 -13.99 7.10
CA ASP D 26 -6.20 -15.19 7.49
C ASP D 26 -4.99 -15.28 6.55
N MET D 27 -4.67 -14.22 5.81
CA MET D 27 -3.58 -14.25 4.79
C MET D 27 -2.25 -13.65 5.30
N ASN D 28 -2.09 -13.43 6.61
CA ASN D 28 -0.85 -12.87 7.21
C ASN D 28 -0.45 -11.58 6.49
N HIS D 29 -1.42 -10.77 6.05
CA HIS D 29 -1.17 -9.43 5.43
C HIS D 29 -0.79 -8.42 6.50
N ASN D 30 0.20 -7.58 6.23
CA ASN D 30 0.68 -6.58 7.23
C ASN D 30 -0.28 -5.39 7.17
N TYR D 31 -0.75 -4.99 5.99
CA TYR D 31 -1.53 -3.73 5.78
C TYR D 31 -3.01 -4.06 5.77
N MET D 32 -3.78 -3.28 6.49
CA MET D 32 -5.25 -3.33 6.50
C MET D 32 -5.77 -1.90 6.42
N TYR D 33 -6.93 -1.71 5.80
CA TYR D 33 -7.46 -0.39 5.37
C TYR D 33 -8.96 -0.34 5.62
N TRP D 34 -9.49 0.87 5.82
CA TRP D 34 -10.94 1.15 5.89
C TRP D 34 -11.21 2.29 4.94
N TYR D 35 -12.08 2.03 3.97
CA TYR D 35 -12.53 3.00 2.95
C TYR D 35 -14.03 3.17 3.07
N ARG D 36 -14.49 4.39 2.78
CA ARG D 36 -15.90 4.66 2.51
C ARG D 36 -16.01 5.01 1.02
N GLN D 37 -17.14 4.64 0.45
CA GLN D 37 -17.42 4.82 -1.00
C GLN D 37 -18.75 5.55 -1.10
N ASP D 38 -18.68 6.73 -1.69
CA ASP D 38 -19.87 7.59 -1.81
C ASP D 38 -19.98 7.99 -3.27
N PRO D 39 -21.21 8.06 -3.81
CA PRO D 39 -21.43 8.43 -5.20
C PRO D 39 -20.58 9.61 -5.69
N GLY D 40 -19.83 9.41 -6.77
CA GLY D 40 -19.05 10.50 -7.37
C GLY D 40 -17.65 10.67 -6.81
N MET D 41 -17.48 10.46 -5.50
CA MET D 41 -16.16 10.68 -4.86
C MET D 41 -15.23 9.53 -5.20
N GLY D 42 -15.70 8.30 -5.01
CA GLY D 42 -14.79 7.16 -5.19
C GLY D 42 -14.34 6.62 -3.85
N LEU D 43 -13.09 6.16 -3.76
CA LEU D 43 -12.66 5.50 -2.51
C LEU D 43 -11.94 6.50 -1.60
N ARG D 44 -12.45 6.66 -0.38
CA ARG D 44 -11.83 7.60 0.59
C ARG D 44 -11.30 6.80 1.79
N LEU D 45 -9.99 6.82 2.00
CA LEU D 45 -9.33 6.11 3.11
C LEU D 45 -9.70 6.80 4.42
N ILE D 46 -10.13 6.01 5.42
CA ILE D 46 -10.50 6.50 6.77
C ILE D 46 -9.27 6.34 7.68
N TYR D 47 -8.70 5.15 7.68
CA TYR D 47 -7.59 4.71 8.56
C TYR D 47 -6.92 3.56 7.85
N TYR D 48 -5.66 3.35 8.16
CA TYR D 48 -4.92 2.18 7.70
C TYR D 48 -4.00 1.77 8.84
N SER D 49 -3.39 0.61 8.68
CA SER D 49 -2.48 0.02 9.67
C SER D 49 -1.40 -0.74 8.92
N ALA D 50 -0.14 -0.31 9.09
CA ALA D 50 1.03 -0.89 8.37
C ALA D 50 1.40 -2.25 8.97
N SER D 51 0.85 -2.62 10.13
CA SER D 51 1.25 -3.84 10.88
C SER D 51 0.48 -3.89 12.22
N GLU D 52 0.44 -5.03 12.92
CA GLU D 52 -0.12 -5.06 14.31
C GLU D 52 0.74 -4.11 15.15
N GLY D 53 0.13 -3.41 16.10
CA GLY D 53 0.83 -2.48 16.99
C GLY D 53 0.81 -1.04 16.49
N THR D 54 0.34 -0.75 15.28
CA THR D 54 0.26 0.65 14.79
C THR D 54 -1.00 0.87 13.93
N THR D 55 -1.45 2.12 13.88
CA THR D 55 -2.56 2.61 13.04
C THR D 55 -2.25 4.04 12.67
N ASP D 56 -2.90 4.61 11.65
CA ASP D 56 -2.66 5.99 11.19
C ASP D 56 -3.88 6.43 10.36
N LYS D 57 -4.16 7.74 10.41
CA LYS D 57 -5.31 8.42 9.75
C LYS D 57 -5.15 8.32 8.24
N GLY D 58 -6.28 8.17 7.54
CA GLY D 58 -6.38 8.45 6.10
C GLY D 58 -6.71 9.90 5.89
N GLU D 59 -7.61 10.18 4.95
CA GLU D 59 -8.04 11.54 4.51
C GLU D 59 -9.28 11.96 5.31
N VAL D 60 -10.09 11.01 5.80
CA VAL D 60 -11.39 11.33 6.47
C VAL D 60 -11.51 10.59 7.80
N PRO D 61 -10.50 10.64 8.71
CA PRO D 61 -10.58 9.87 9.96
C PRO D 61 -11.65 10.37 10.95
N ASN D 62 -12.06 11.64 10.82
CA ASN D 62 -12.95 12.35 11.77
C ASN D 62 -14.25 11.58 11.96
N GLY D 63 -14.56 11.21 13.20
CA GLY D 63 -15.76 10.47 13.61
C GLY D 63 -15.47 8.99 13.75
N TYR D 64 -14.26 8.52 13.39
CA TYR D 64 -13.92 7.08 13.38
C TYR D 64 -12.69 6.76 14.23
N ASN D 65 -12.62 5.51 14.65
CA ASN D 65 -11.53 4.93 15.46
C ASN D 65 -11.26 3.50 15.03
N VAL D 66 -10.02 3.05 15.15
CA VAL D 66 -9.53 1.71 14.75
C VAL D 66 -8.58 1.18 15.83
N SER D 67 -8.39 -0.13 15.88
CA SER D 67 -7.31 -0.79 16.66
C SER D 67 -6.65 -1.81 15.73
N ARG D 68 -5.35 -2.06 15.90
CA ARG D 68 -4.65 -3.21 15.26
C ARG D 68 -3.88 -3.95 16.36
N SER D 69 -4.63 -4.70 17.16
CA SER D 69 -4.14 -5.59 18.25
C SER D 69 -3.41 -6.79 17.66
N THR D 70 -3.91 -7.30 16.52
CA THR D 70 -3.36 -8.51 15.86
C THR D 70 -3.20 -8.24 14.36
N THR D 71 -2.40 -9.08 13.71
CA THR D 71 -2.24 -9.14 12.25
C THR D 71 -3.61 -9.39 11.62
N GLU D 72 -4.44 -10.25 12.23
CA GLU D 72 -5.72 -10.74 11.64
C GLU D 72 -6.79 -9.64 11.62
N ASP D 73 -6.94 -8.85 12.70
CA ASP D 73 -8.18 -8.05 12.93
C ASP D 73 -7.87 -6.55 12.83
N PHE D 74 -8.83 -5.81 12.31
CA PHE D 74 -8.80 -4.33 12.19
C PHE D 74 -10.21 -3.78 12.35
N PRO D 75 -10.75 -3.68 13.59
CA PRO D 75 -12.09 -3.11 13.79
C PRO D 75 -12.13 -1.62 13.44
N LEU D 76 -13.25 -1.18 12.89
CA LEU D 76 -13.61 0.26 12.69
C LEU D 76 -14.78 0.62 13.61
N ARG D 77 -14.60 1.66 14.39
CA ARG D 77 -15.54 2.12 15.42
C ARG D 77 -16.16 3.43 14.92
N LEU D 78 -17.48 3.52 14.91
CA LEU D 78 -18.20 4.83 14.89
C LEU D 78 -18.53 5.16 16.35
N LEU D 79 -17.96 6.24 16.87
CA LEU D 79 -18.09 6.59 18.30
C LEU D 79 -19.46 7.21 18.51
N SER D 80 -19.91 8.07 17.59
CA SER D 80 -21.22 8.77 17.64
C SER D 80 -21.80 8.95 16.23
N ALA D 81 -22.55 7.94 15.75
CA ALA D 81 -23.11 7.88 14.39
C ALA D 81 -23.72 9.24 14.02
N ALA D 82 -23.33 9.78 12.86
CA ALA D 82 -23.91 11.01 12.26
C ALA D 82 -24.50 10.66 10.90
N PRO D 83 -25.64 11.28 10.52
CA PRO D 83 -26.18 11.15 9.16
C PRO D 83 -25.13 11.11 8.04
N SER D 84 -24.06 11.91 8.12
CA SER D 84 -22.99 12.06 7.09
C SER D 84 -22.16 10.78 6.93
N GLN D 85 -22.32 9.80 7.85
CA GLN D 85 -21.58 8.52 7.84
C GLN D 85 -22.43 7.42 7.14
N THR D 86 -23.63 7.78 6.66
CA THR D 86 -24.40 6.95 5.72
C THR D 86 -23.46 6.67 4.54
N SER D 87 -23.10 5.41 4.34
CA SER D 87 -22.14 5.04 3.28
C SER D 87 -22.02 3.53 3.17
N VAL D 88 -21.16 3.14 2.23
CA VAL D 88 -20.73 1.73 2.06
C VAL D 88 -19.26 1.69 2.49
N TYR D 89 -18.95 0.88 3.47
CA TYR D 89 -17.58 0.73 4.04
C TYR D 89 -16.95 -0.54 3.45
N PHE D 90 -15.74 -0.43 2.93
CA PHE D 90 -14.92 -1.57 2.52
C PHE D 90 -13.69 -1.56 3.38
N CYS D 91 -13.53 -2.64 4.13
CA CYS D 91 -12.25 -3.11 4.67
C CYS D 91 -11.41 -3.70 3.53
N ALA D 92 -10.08 -3.65 3.65
CA ALA D 92 -9.12 -4.32 2.75
C ALA D 92 -7.83 -4.70 3.47
N SER D 93 -7.13 -5.69 2.94
CA SER D 93 -5.77 -6.11 3.38
C SER D 93 -4.83 -6.05 2.17
N SER D 94 -3.54 -5.87 2.39
CA SER D 94 -2.51 -6.04 1.35
C SER D 94 -1.25 -6.55 2.06
N ASN D 95 -0.49 -7.40 1.40
CA ASN D 95 0.73 -8.01 1.94
C ASN D 95 1.73 -6.89 2.27
N ARG D 96 2.02 -6.02 1.31
CA ARG D 96 2.94 -4.86 1.47
C ARG D 96 2.21 -3.58 1.06
N GLU D 97 2.85 -2.44 1.26
CA GLU D 97 2.36 -1.08 0.89
C GLU D 97 2.17 -0.97 -0.63
N TYR D 98 2.81 -1.83 -1.44
CA TYR D 98 2.84 -1.68 -2.92
C TYR D 98 2.16 -2.91 -3.54
N SER D 99 1.67 -3.83 -2.72
CA SER D 99 1.04 -5.09 -3.15
C SER D 99 -0.46 -4.88 -3.31
N PRO D 100 -1.16 -5.69 -4.12
CA PRO D 100 -2.59 -5.46 -4.38
C PRO D 100 -3.49 -5.64 -3.15
N LEU D 101 -4.55 -4.85 -3.11
CA LEU D 101 -5.58 -4.95 -2.05
C LEU D 101 -6.56 -6.09 -2.34
N HIS D 102 -6.92 -6.78 -1.27
CA HIS D 102 -8.03 -7.75 -1.14
C HIS D 102 -9.12 -7.10 -0.31
N PHE D 103 -10.35 -7.04 -0.80
CA PHE D 103 -11.42 -6.30 -0.10
C PHE D 103 -12.33 -7.25 0.63
N GLY D 104 -12.88 -6.79 1.75
CA GLY D 104 -14.07 -7.41 2.35
C GLY D 104 -15.26 -7.08 1.48
N ASN D 105 -16.38 -7.75 1.73
CA ASN D 105 -17.62 -7.61 0.91
C ASN D 105 -18.45 -6.39 1.31
N GLY D 106 -17.92 -5.47 2.10
CA GLY D 106 -18.59 -4.17 2.26
C GLY D 106 -19.66 -4.22 3.35
N THR D 107 -20.02 -3.03 3.84
CA THR D 107 -21.04 -2.82 4.88
C THR D 107 -21.88 -1.67 4.36
N ARG D 108 -23.17 -1.93 4.17
CA ARG D 108 -24.08 -0.84 3.78
C ARG D 108 -24.62 -0.29 5.08
N LEU D 109 -24.27 0.95 5.38
CA LEU D 109 -24.57 1.58 6.69
C LEU D 109 -25.41 2.84 6.43
N THR D 110 -26.56 2.91 7.10
CA THR D 110 -27.44 4.11 7.10
C THR D 110 -27.58 4.55 8.55
N VAL D 111 -27.47 5.85 8.77
CA VAL D 111 -27.68 6.54 10.06
C VAL D 111 -28.90 7.45 9.91
N THR D 112 -29.90 7.22 10.75
CA THR D 112 -31.17 7.99 10.72
C THR D 112 -31.37 8.70 12.05
N GLU D 113 -32.14 9.79 12.04
CA GLU D 113 -32.44 10.54 13.29
C GLU D 113 -33.24 9.67 14.25
N ASP D 114 -34.25 8.96 13.76
CA ASP D 114 -34.97 8.02 14.65
C ASP D 114 -35.19 6.68 13.94
N LEU D 115 -35.26 5.60 14.70
CA LEU D 115 -35.48 4.26 14.13
C LEU D 115 -36.97 4.07 13.84
N ASN D 116 -37.77 5.11 14.00
CA ASN D 116 -39.21 5.03 13.65
C ASN D 116 -39.34 5.35 12.16
N LYS D 117 -38.22 5.63 11.52
CA LYS D 117 -38.22 5.89 10.05
C LYS D 117 -37.95 4.56 9.36
N VAL D 118 -37.70 3.51 10.14
CA VAL D 118 -37.41 2.15 9.58
C VAL D 118 -38.71 1.38 9.36
N PHE D 119 -38.96 0.94 8.13
CA PHE D 119 -40.12 0.12 7.72
C PHE D 119 -39.65 -1.04 6.85
N PRO D 120 -40.21 -2.25 7.04
CA PRO D 120 -39.87 -3.39 6.18
C PRO D 120 -40.54 -3.18 4.82
N PRO D 121 -40.14 -3.93 3.76
CA PRO D 121 -40.87 -3.92 2.48
C PRO D 121 -42.27 -4.53 2.58
N GLU D 122 -43.21 -3.98 1.81
CA GLU D 122 -44.38 -4.71 1.25
C GLU D 122 -43.97 -5.20 -0.14
N VAL D 123 -44.29 -6.46 -0.45
CA VAL D 123 -43.88 -7.19 -1.68
C VAL D 123 -45.12 -7.75 -2.42
N ALA D 124 -45.15 -7.64 -3.74
CA ALA D 124 -46.26 -8.17 -4.58
C ALA D 124 -45.67 -8.76 -5.87
N VAL D 125 -46.24 -9.87 -6.35
CA VAL D 125 -45.94 -10.48 -7.68
C VAL D 125 -47.09 -10.10 -8.62
N PHE D 126 -46.73 -9.59 -9.78
CA PHE D 126 -47.65 -9.28 -10.91
C PHE D 126 -47.46 -10.37 -11.97
N GLU D 127 -48.56 -11.01 -12.35
CA GLU D 127 -48.54 -12.19 -13.24
C GLU D 127 -48.38 -11.73 -14.68
N PRO D 128 -47.77 -12.56 -15.56
CA PRO D 128 -47.50 -12.15 -16.94
C PRO D 128 -48.78 -11.71 -17.66
N SER D 129 -48.69 -10.70 -18.53
CA SER D 129 -49.67 -10.30 -19.57
C SER D 129 -49.94 -11.41 -20.59
N GLU D 130 -51.21 -11.84 -20.73
CA GLU D 130 -51.72 -12.76 -21.79
C GLU D 130 -51.26 -12.29 -23.18
N ALA D 131 -51.19 -10.98 -23.41
CA ALA D 131 -50.71 -10.40 -24.68
C ALA D 131 -49.22 -10.71 -24.85
N GLU D 132 -48.40 -10.57 -23.80
CA GLU D 132 -46.97 -10.98 -23.91
C GLU D 132 -46.93 -12.45 -24.37
N ILE D 133 -47.65 -13.29 -23.64
CA ILE D 133 -47.68 -14.77 -23.82
C ILE D 133 -48.07 -15.09 -25.27
N SER D 134 -49.17 -14.54 -25.75
CA SER D 134 -49.65 -14.85 -27.13
C SER D 134 -48.66 -14.28 -28.17
N HIS D 135 -48.07 -13.09 -27.98
CA HIS D 135 -47.21 -12.44 -28.98
C HIS D 135 -45.77 -13.03 -29.04
N THR D 136 -45.21 -13.59 -27.94
CA THR D 136 -43.75 -13.89 -27.82
C THR D 136 -43.45 -15.32 -27.32
N GLN D 137 -44.46 -16.01 -26.79
CA GLN D 137 -44.34 -17.38 -26.24
C GLN D 137 -43.44 -17.33 -25.00
N LYS D 138 -43.45 -16.20 -24.30
CA LYS D 138 -42.70 -15.99 -23.03
C LYS D 138 -43.58 -15.20 -22.07
N ALA D 139 -43.27 -15.36 -20.79
CA ALA D 139 -44.09 -14.91 -19.65
C ALA D 139 -43.16 -14.17 -18.68
N THR D 140 -43.34 -12.86 -18.55
CA THR D 140 -42.55 -12.02 -17.62
C THR D 140 -43.36 -11.76 -16.35
N LEU D 141 -42.93 -12.37 -15.24
CA LEU D 141 -43.42 -11.99 -13.89
C LEU D 141 -42.67 -10.74 -13.45
N VAL D 142 -43.34 -9.87 -12.67
CA VAL D 142 -42.68 -8.71 -12.03
C VAL D 142 -42.96 -8.75 -10.54
N CYS D 143 -41.90 -8.49 -9.81
CA CYS D 143 -41.91 -8.33 -8.34
C CYS D 143 -41.65 -6.87 -7.98
N LEU D 144 -42.46 -6.34 -7.06
CA LEU D 144 -42.31 -4.96 -6.55
C LEU D 144 -42.18 -5.02 -5.03
N ALA D 145 -41.07 -4.49 -4.54
CA ALA D 145 -40.87 -4.18 -3.11
C ALA D 145 -40.99 -2.66 -2.91
N THR D 146 -41.93 -2.24 -2.06
CA THR D 146 -42.23 -0.81 -1.78
C THR D 146 -42.15 -0.46 -0.29
N GLY D 147 -42.02 0.84 0.01
CA GLY D 147 -42.24 1.43 1.35
C GLY D 147 -41.17 1.01 2.38
N PHE D 148 -39.97 0.68 1.95
CA PHE D 148 -38.92 0.16 2.84
C PHE D 148 -37.85 1.24 3.10
N TYR D 149 -37.25 1.17 4.28
CA TYR D 149 -36.18 2.05 4.80
C TYR D 149 -35.50 1.35 5.97
N PRO D 150 -34.16 1.26 5.97
CA PRO D 150 -33.34 1.82 4.89
C PRO D 150 -33.33 0.93 3.64
N ASP D 151 -32.60 1.37 2.61
CA ASP D 151 -32.48 0.65 1.31
C ASP D 151 -31.54 -0.55 1.50
N HIS D 152 -31.81 -1.40 2.49
CA HIS D 152 -30.96 -2.56 2.80
C HIS D 152 -31.77 -3.83 2.52
N VAL D 153 -31.71 -4.31 1.27
CA VAL D 153 -32.52 -5.48 0.81
C VAL D 153 -31.71 -6.41 -0.11
N GLU D 154 -32.07 -7.68 -0.05
CA GLU D 154 -31.64 -8.72 -1.02
C GLU D 154 -32.91 -9.36 -1.59
N LEU D 155 -33.07 -9.27 -2.93
CA LEU D 155 -34.26 -9.79 -3.66
C LEU D 155 -33.83 -11.03 -4.44
N SER D 156 -34.47 -12.14 -4.16
CA SER D 156 -34.19 -13.44 -4.83
C SER D 156 -35.52 -13.96 -5.42
N TRP D 157 -35.46 -14.78 -6.46
CA TRP D 157 -36.63 -15.52 -7.03
C TRP D 157 -36.48 -17.02 -6.75
N TRP D 158 -37.58 -17.66 -6.36
CA TRP D 158 -37.61 -19.08 -5.95
C TRP D 158 -38.68 -19.83 -6.76
N VAL D 159 -38.28 -20.87 -7.49
CA VAL D 159 -39.14 -21.60 -8.48
C VAL D 159 -39.21 -23.07 -8.06
N ASN D 160 -40.39 -23.51 -7.66
CA ASN D 160 -40.58 -24.84 -6.99
C ASN D 160 -39.56 -24.96 -5.86
N GLY D 161 -39.41 -23.90 -5.05
CA GLY D 161 -38.62 -23.88 -3.81
C GLY D 161 -37.11 -23.80 -3.99
N LYS D 162 -36.57 -23.55 -5.19
CA LYS D 162 -35.11 -23.43 -5.45
C LYS D 162 -34.84 -22.08 -6.05
N GLU D 163 -33.79 -21.41 -5.60
CA GLU D 163 -33.42 -20.09 -6.10
C GLU D 163 -33.03 -20.25 -7.57
N VAL D 164 -33.47 -19.30 -8.40
CA VAL D 164 -33.11 -19.19 -9.84
C VAL D 164 -32.32 -17.91 -10.09
N HIS D 165 -31.43 -17.93 -11.07
CA HIS D 165 -30.61 -16.76 -11.51
C HIS D 165 -30.91 -16.49 -12.99
N SER D 166 -30.98 -17.54 -13.79
CA SER D 166 -31.40 -17.45 -15.21
C SER D 166 -32.76 -16.76 -15.27
N GLY D 167 -32.94 -15.80 -16.19
CA GLY D 167 -34.25 -15.23 -16.54
C GLY D 167 -34.63 -14.06 -15.63
N VAL D 168 -33.71 -13.69 -14.75
CA VAL D 168 -33.90 -12.72 -13.63
C VAL D 168 -33.15 -11.44 -13.95
N CYS D 169 -33.82 -10.29 -13.85
CA CYS D 169 -33.14 -8.98 -13.84
C CYS D 169 -33.74 -8.08 -12.75
N THR D 170 -32.90 -7.65 -11.82
CA THR D 170 -33.27 -6.79 -10.65
C THR D 170 -32.63 -5.42 -10.85
N ASP D 171 -33.34 -4.34 -10.54
CA ASP D 171 -32.74 -2.97 -10.60
C ASP D 171 -31.47 -2.99 -9.75
N PRO D 172 -30.30 -2.55 -10.26
CA PRO D 172 -29.10 -2.38 -9.45
C PRO D 172 -29.37 -1.57 -8.17
N GLN D 173 -30.21 -0.55 -8.26
CA GLN D 173 -30.43 0.46 -7.20
C GLN D 173 -31.91 0.56 -6.86
N PRO D 174 -32.30 0.42 -5.57
CA PRO D 174 -33.62 0.85 -5.11
C PRO D 174 -33.80 2.35 -5.34
N LEU D 175 -35.02 2.68 -5.72
CA LEU D 175 -35.48 4.00 -6.20
C LEU D 175 -36.22 4.68 -5.03
N LYS D 176 -36.05 5.99 -4.87
CA LYS D 176 -36.76 6.76 -3.82
C LYS D 176 -38.20 7.00 -4.26
N GLU D 177 -39.15 6.68 -3.37
CA GLU D 177 -40.60 6.97 -3.56
C GLU D 177 -40.89 8.48 -3.45
N GLN D 178 -40.20 9.21 -2.57
CA GLN D 178 -40.30 10.69 -2.37
C GLN D 178 -38.90 11.29 -2.57
N PRO D 179 -38.42 11.51 -3.82
CA PRO D 179 -37.03 11.94 -4.04
C PRO D 179 -36.60 13.17 -3.20
N ALA D 180 -37.52 14.11 -3.00
CA ALA D 180 -37.36 15.32 -2.15
C ALA D 180 -36.82 14.96 -0.75
N LEU D 181 -37.51 14.08 -0.03
CA LEU D 181 -37.24 13.74 1.40
C LEU D 181 -35.92 12.96 1.55
N ASN D 182 -35.14 13.25 2.59
CA ASN D 182 -33.84 12.58 2.85
C ASN D 182 -34.08 11.31 3.66
N ASP D 183 -35.25 11.15 4.27
CA ASP D 183 -35.69 9.91 4.96
C ASP D 183 -36.66 9.11 4.07
N SER D 184 -36.75 9.43 2.76
CA SER D 184 -37.65 8.81 1.76
C SER D 184 -37.55 7.27 1.76
N ARG D 185 -38.70 6.60 1.81
CA ARG D 185 -38.71 5.11 1.75
C ARG D 185 -38.41 4.74 0.29
N TYR D 186 -38.09 3.48 0.03
CA TYR D 186 -37.55 2.99 -1.26
C TYR D 186 -38.50 1.99 -1.93
N ALA D 187 -38.35 1.83 -3.25
CA ALA D 187 -38.99 0.73 -4.02
C ALA D 187 -37.94 0.04 -4.90
N LEU D 188 -38.15 -1.24 -5.19
CA LEU D 188 -37.23 -2.04 -6.02
C LEU D 188 -38.07 -2.98 -6.88
N SER D 189 -37.81 -3.04 -8.19
CA SER D 189 -38.45 -3.99 -9.12
C SER D 189 -37.49 -5.13 -9.49
N SER D 190 -38.06 -6.28 -9.86
CA SER D 190 -37.31 -7.40 -10.49
C SER D 190 -38.25 -8.11 -11.45
N ARG D 191 -37.70 -8.69 -12.51
CA ARG D 191 -38.43 -9.53 -13.48
C ARG D 191 -37.83 -10.95 -13.47
N LEU D 192 -38.72 -11.92 -13.60
CA LEU D 192 -38.36 -13.32 -13.90
C LEU D 192 -39.11 -13.64 -15.17
N ARG D 193 -38.39 -13.92 -16.25
CA ARG D 193 -39.01 -14.36 -17.54
C ARG D 193 -38.78 -15.87 -17.74
N VAL D 194 -39.85 -16.56 -18.09
CA VAL D 194 -39.85 -18.01 -18.38
C VAL D 194 -40.61 -18.21 -19.69
N SER D 195 -40.62 -19.42 -20.26
CA SER D 195 -41.45 -19.74 -21.45
C SER D 195 -42.91 -19.72 -21.03
N ALA D 196 -43.79 -19.49 -22.00
CA ALA D 196 -45.24 -19.44 -21.78
C ALA D 196 -45.69 -20.82 -21.26
N THR D 197 -45.16 -21.94 -21.78
CA THR D 197 -45.58 -23.30 -21.33
C THR D 197 -45.21 -23.50 -19.85
N PHE D 198 -44.03 -23.04 -19.45
CA PHE D 198 -43.59 -23.12 -18.03
C PHE D 198 -44.51 -22.31 -17.09
N TRP D 199 -44.88 -21.07 -17.44
CA TRP D 199 -45.88 -20.30 -16.67
C TRP D 199 -47.24 -21.03 -16.65
N GLN D 200 -47.61 -21.66 -17.76
CA GLN D 200 -48.97 -22.24 -17.96
C GLN D 200 -49.10 -23.55 -17.19
N ASP D 201 -47.97 -24.20 -16.89
CA ASP D 201 -47.94 -25.45 -16.09
C ASP D 201 -48.33 -25.13 -14.64
N PRO D 202 -49.53 -25.55 -14.17
CA PRO D 202 -50.00 -25.20 -12.83
C PRO D 202 -49.24 -25.90 -11.70
N ARG D 203 -48.35 -26.85 -12.03
CA ARG D 203 -47.43 -27.48 -11.05
C ARG D 203 -46.31 -26.49 -10.65
N ASN D 204 -46.02 -25.46 -11.44
CA ASN D 204 -44.87 -24.57 -11.14
C ASN D 204 -45.31 -23.52 -10.10
N HIS D 205 -44.38 -23.15 -9.22
CA HIS D 205 -44.58 -22.22 -8.08
C HIS D 205 -43.52 -21.11 -8.16
N PHE D 206 -43.96 -19.86 -8.13
CA PHE D 206 -43.11 -18.65 -8.28
C PHE D 206 -43.20 -17.84 -6.97
N ARG D 207 -42.04 -17.60 -6.32
CA ARG D 207 -41.90 -16.80 -5.08
C ARG D 207 -40.81 -15.75 -5.32
N CYS D 208 -41.21 -14.50 -5.21
CA CYS D 208 -40.34 -13.33 -5.03
C CYS D 208 -40.02 -13.18 -3.55
N GLN D 209 -38.75 -13.21 -3.18
CA GLN D 209 -38.33 -13.13 -1.76
C GLN D 209 -37.50 -11.87 -1.52
N VAL D 210 -37.86 -11.03 -0.52
CA VAL D 210 -37.03 -9.86 -0.08
C VAL D 210 -36.53 -10.05 1.35
N GLN D 211 -35.21 -10.25 1.49
CA GLN D 211 -34.53 -10.19 2.82
C GLN D 211 -34.34 -8.71 3.15
N PHE D 212 -35.00 -8.25 4.20
CA PHE D 212 -34.84 -6.86 4.69
C PHE D 212 -33.93 -6.90 5.93
N TYR D 213 -33.04 -5.92 6.05
CA TYR D 213 -32.17 -5.68 7.22
C TYR D 213 -32.69 -4.45 7.97
N GLY D 214 -33.10 -4.65 9.23
CA GLY D 214 -33.65 -3.59 10.09
C GLY D 214 -33.16 -3.73 11.52
N LEU D 215 -34.06 -3.65 12.51
CA LEU D 215 -33.71 -3.63 13.93
C LEU D 215 -33.39 -5.05 14.37
N SER D 216 -32.72 -5.20 15.50
CA SER D 216 -32.41 -6.48 16.17
C SER D 216 -33.33 -6.63 17.38
N GLU D 217 -33.23 -7.74 18.11
CA GLU D 217 -34.18 -8.07 19.21
C GLU D 217 -33.82 -7.20 20.43
N ASN D 218 -32.57 -6.75 20.54
CA ASN D 218 -32.11 -5.89 21.67
C ASN D 218 -32.39 -4.40 21.36
N ASP D 219 -32.84 -4.02 20.15
CA ASP D 219 -33.25 -2.61 19.90
C ASP D 219 -34.55 -2.37 20.69
N GLU D 220 -34.59 -1.27 21.45
CA GLU D 220 -35.79 -0.77 22.19
C GLU D 220 -36.82 -0.45 21.10
N TRP D 221 -38.11 -0.60 21.36
CA TRP D 221 -39.18 -0.27 20.39
C TRP D 221 -40.46 -0.09 21.19
N THR D 222 -41.05 1.11 21.16
CA THR D 222 -42.26 1.43 21.96
C THR D 222 -43.39 1.96 21.07
N GLN D 223 -43.31 1.79 19.75
CA GLN D 223 -44.35 2.24 18.79
C GLN D 223 -45.48 1.20 18.69
N ASP D 224 -46.64 1.62 18.18
CA ASP D 224 -47.80 0.77 17.86
C ASP D 224 -47.39 -0.35 16.88
N ARG D 225 -46.86 0.00 15.70
CA ARG D 225 -46.62 -1.00 14.63
C ARG D 225 -45.56 -1.98 15.12
N ALA D 226 -45.53 -3.18 14.57
CA ALA D 226 -44.55 -4.23 14.92
C ALA D 226 -43.13 -3.71 14.70
N LYS D 227 -42.21 -4.22 15.51
CA LYS D 227 -40.79 -3.84 15.48
C LYS D 227 -40.33 -4.13 14.06
N PRO D 228 -39.81 -3.15 13.29
CA PRO D 228 -39.28 -3.43 11.94
C PRO D 228 -37.94 -4.16 11.98
N VAL D 229 -37.94 -5.40 12.47
CA VAL D 229 -36.73 -6.27 12.59
C VAL D 229 -36.31 -6.77 11.20
N THR D 230 -35.04 -7.14 11.04
CA THR D 230 -34.55 -8.00 9.93
C THR D 230 -35.58 -9.13 9.72
N GLN D 231 -36.02 -9.34 8.48
CA GLN D 231 -37.09 -10.34 8.17
C GLN D 231 -37.17 -10.54 6.66
N ILE D 232 -37.79 -11.65 6.28
CA ILE D 232 -38.14 -11.94 4.86
C ILE D 232 -39.62 -11.63 4.67
N VAL D 233 -39.90 -10.84 3.66
CA VAL D 233 -41.26 -10.64 3.09
C VAL D 233 -41.20 -11.16 1.65
N SER D 234 -42.16 -12.01 1.30
CA SER D 234 -42.27 -12.79 0.04
C SER D 234 -43.63 -12.51 -0.58
N ALA D 235 -43.75 -12.72 -1.89
CA ALA D 235 -45.04 -12.88 -2.59
C ALA D 235 -44.86 -13.99 -3.61
N GLU D 236 -45.97 -14.63 -3.99
CA GLU D 236 -45.96 -15.87 -4.79
C GLU D 236 -47.16 -15.95 -5.72
N ALA D 237 -47.01 -16.79 -6.76
CA ALA D 237 -48.03 -17.14 -7.77
C ALA D 237 -47.81 -18.58 -8.20
N TRP D 238 -48.89 -19.33 -8.38
CA TRP D 238 -48.87 -20.61 -9.13
C TRP D 238 -49.00 -20.28 -10.61
N GLY D 239 -48.29 -21.04 -11.44
CA GLY D 239 -48.59 -21.19 -12.88
C GLY D 239 -50.08 -21.46 -13.13
N ARG D 240 -50.61 -20.93 -14.23
CA ARG D 240 -52.05 -20.99 -14.56
C ARG D 240 -52.21 -21.33 -16.03
N ALA D 241 -52.87 -22.45 -16.33
CA ALA D 241 -53.14 -22.92 -17.70
C ALA D 241 -53.84 -21.83 -18.53
N ASP D 242 -54.62 -20.94 -17.86
CA ASP D 242 -55.46 -19.87 -18.47
C ASP D 242 -55.03 -18.50 -17.94
#